data_2V3F
#
_entry.id   2V3F
#
_cell.length_a   68.088
_cell.length_b   97.104
_cell.length_c   82.932
_cell.angle_alpha   90.00
_cell.angle_beta   104.43
_cell.angle_gamma   90.00
#
_symmetry.space_group_name_H-M   'P 1 21 1'
#
loop_
_entity.id
_entity.type
_entity.pdbx_description
1 polymer GLUCOSYLCERAMIDASE
2 branched alpha-D-mannopyranose-(1-4)-2-acetamido-2-deoxy-beta-D-glucopyranose-(1-4)-[alpha-L-fucopyranose-(1-3)]2-acetamido-2-deoxy-beta-D-glucopyranose
3 branched alpha-L-fucopyranose-(1-3)-[2-acetamido-2-deoxy-beta-D-glucopyranose-(1-4)]2-acetamido-2-deoxy-beta-D-glucopyranose
4 non-polymer 2-[BIS-(2-HYDROXY-ETHYL)-AMINO]-2-HYDROXYMETHYL-PROPANE-1,3-DIOL
5 non-polymer 'SULFATE ION'
6 water water
#
_entity_poly.entity_id   1
_entity_poly.type   'polypeptide(L)'
_entity_poly.pdbx_seq_one_letter_code
;EFARPCIPKSFGYSSVVCVCNATYCDSFDPPTFPALGTFSRYESTRSGRRMELSMGPIQANHTGTGLLLTLQPEQKFQKV
KGFGGAMTDAAALNILALSPPAQNLLLKSYFSEEGIGYNIIRVPMASCDFSIRTYTYADTPDDFQLHNFSLPEEDTKLKI
PLIHRALQLAQRPVSLLASPWTSPTWLKTNGAVNGKGSLKGQPGDIYHQTWARYFVKFLDAYAEHKLQFWAVTAENEPSA
GLLSGYPFQCLGFTPEHQRDFIARDLGPTLANSTHHNVRLLMLDDQRLLLPHWAKVVLTDPEAAKYVHGIAVHWYLDFLA
PAKATLGETHRLFPNTMLFASEACVGSKFWEQSVRLGSWDRGMQYSHSIITNLLYHVVGWTDWNLALNPEGGPNWVRNFV
DSPIIVDITKDTFYKQPMFYHLGHFSKFIPEGSQRVGLVASQKNDLDAVALMHPDGSAVVVVLNRSSKDVPLTIKDPAVG
FLETISPGYSIHTYLWHRQLLVDTM
;
_entity_poly.pdbx_strand_id   A,B
#
loop_
_chem_comp.id
_chem_comp.type
_chem_comp.name
_chem_comp.formula
BTB non-polymer 2-[BIS-(2-HYDROXY-ETHYL)-AMINO]-2-HYDROXYMETHYL-PROPANE-1,3-DIOL 'C8 H19 N O5'
FUC L-saccharide, alpha linking alpha-L-fucopyranose 'C6 H12 O5'
MAN D-saccharide, alpha linking alpha-D-mannopyranose 'C6 H12 O6'
NAG D-saccharide, beta linking 2-acetamido-2-deoxy-beta-D-glucopyranose 'C8 H15 N O6'
SO4 non-polymer 'SULFATE ION' 'O4 S -2'
#
# COMPACT_ATOMS: atom_id res chain seq x y z
N GLU A 1 -41.15 -6.67 18.69
CA GLU A 1 -42.03 -5.49 18.44
C GLU A 1 -42.43 -5.36 16.96
N PHE A 2 -43.44 -4.51 16.71
CA PHE A 2 -43.81 -4.08 15.34
C PHE A 2 -42.59 -3.57 14.59
N ALA A 3 -42.40 -4.06 13.37
CA ALA A 3 -41.47 -3.43 12.43
C ALA A 3 -41.96 -2.03 12.04
N ARG A 4 -41.02 -1.09 11.93
CA ARG A 4 -41.30 0.21 11.33
C ARG A 4 -40.36 0.42 10.16
N PRO A 5 -40.89 0.96 9.04
CA PRO A 5 -40.14 1.12 7.80
C PRO A 5 -39.11 2.28 7.85
N CYS A 6 -38.16 2.23 6.93
CA CYS A 6 -37.20 3.29 6.65
C CYS A 6 -37.93 4.61 6.35
N ILE A 7 -37.51 5.70 6.98
CA ILE A 7 -37.82 7.05 6.46
C ILE A 7 -36.72 7.51 5.49
N PRO A 8 -36.98 7.47 4.17
CA PRO A 8 -35.89 7.71 3.22
C PRO A 8 -35.58 9.19 3.06
N LYS A 9 -34.30 9.52 2.98
CA LYS A 9 -33.91 10.86 2.63
C LYS A 9 -32.77 10.83 1.63
N SER A 10 -32.89 11.65 0.59
CA SER A 10 -31.82 11.75 -0.38
C SER A 10 -30.95 12.98 -0.12
N PHE A 11 -29.64 12.82 -0.28
CA PHE A 11 -28.71 13.94 -0.18
C PHE A 11 -27.99 14.17 -1.51
N GLY A 12 -28.55 13.60 -2.57
CA GLY A 12 -28.05 13.81 -3.92
C GLY A 12 -27.03 12.77 -4.40
N TYR A 13 -26.83 11.73 -3.62
CA TYR A 13 -25.99 10.60 -4.05
C TYR A 13 -26.87 9.45 -4.56
N SER A 14 -26.29 8.26 -4.71
CA SER A 14 -26.92 7.25 -5.58
C SER A 14 -28.07 6.54 -4.91
N SER A 15 -28.17 6.63 -3.59
CA SER A 15 -29.34 6.06 -2.90
C SER A 15 -29.75 6.89 -1.68
N VAL A 16 -30.69 6.39 -0.88
CA VAL A 16 -31.18 7.13 0.27
C VAL A 16 -30.53 6.68 1.58
N VAL A 17 -30.55 7.54 2.58
CA VAL A 17 -30.36 7.12 3.96
C VAL A 17 -31.71 6.92 4.62
N CYS A 18 -31.71 6.19 5.73
CA CYS A 18 -32.90 6.07 6.59
C CYS A 18 -32.73 6.95 7.82
N VAL A 19 -33.73 7.81 8.03
CA VAL A 19 -33.64 8.86 9.03
C VAL A 19 -34.25 8.39 10.35
N CYS A 20 -33.48 8.53 11.42
CA CYS A 20 -33.89 8.11 12.76
C CYS A 20 -33.75 9.27 13.71
N ASN A 21 -34.52 9.29 14.80
CA ASN A 21 -34.48 10.38 15.77
C ASN A 21 -34.88 9.84 17.13
N ALA A 22 -35.20 10.73 18.10
CA ALA A 22 -35.42 10.30 19.50
C ALA A 22 -36.62 9.35 19.66
N THR A 23 -37.58 9.48 18.76
CA THR A 23 -38.85 8.76 18.88
C THR A 23 -39.12 7.78 17.74
N TYR A 24 -38.27 7.76 16.72
CA TYR A 24 -38.47 6.88 15.58
C TYR A 24 -37.19 6.32 14.95
N CYS A 25 -37.16 5.00 14.75
CA CYS A 25 -36.13 4.40 13.90
C CYS A 25 -36.68 3.15 13.26
N ASP A 26 -36.23 2.85 12.05
CA ASP A 26 -36.67 1.64 11.38
C ASP A 26 -36.15 0.40 12.11
N SER A 27 -36.93 -0.68 12.04
CA SER A 27 -36.71 -1.87 12.85
C SER A 27 -37.37 -3.08 12.23
N PHE A 28 -37.02 -4.26 12.72
CA PHE A 28 -37.65 -5.49 12.27
C PHE A 28 -38.66 -5.97 13.29
N ASP A 29 -39.66 -6.71 12.80
CA ASP A 29 -40.34 -7.78 13.57
C ASP A 29 -39.35 -8.80 14.20
N PRO A 30 -39.74 -9.45 15.32
CA PRO A 30 -38.91 -10.52 15.90
C PRO A 30 -38.78 -11.72 14.96
N PRO A 34 -38.76 -19.42 8.23
CA PRO A 34 -39.95 -19.63 7.38
C PRO A 34 -40.51 -21.04 7.58
N ALA A 35 -41.83 -21.19 7.42
CA ALA A 35 -42.51 -22.51 7.32
C ALA A 35 -41.80 -23.54 6.42
N LEU A 36 -42.04 -24.83 6.64
CA LEU A 36 -41.39 -25.86 5.84
C LEU A 36 -41.81 -25.85 4.35
N GLY A 37 -40.83 -26.04 3.49
CA GLY A 37 -41.03 -25.95 2.05
C GLY A 37 -41.13 -24.52 1.54
N THR A 38 -40.84 -23.54 2.39
CA THR A 38 -40.74 -22.14 1.94
C THR A 38 -39.36 -21.57 2.28
N PHE A 39 -38.93 -20.54 1.54
CA PHE A 39 -37.74 -19.78 1.92
C PHE A 39 -38.13 -18.34 2.25
N SER A 40 -37.27 -17.68 3.02
CA SER A 40 -37.37 -16.24 3.28
C SER A 40 -36.33 -15.51 2.46
N ARG A 41 -36.71 -14.34 1.94
CA ARG A 41 -35.79 -13.53 1.16
C ARG A 41 -35.84 -12.16 1.80
N TYR A 42 -34.66 -11.63 2.12
CA TYR A 42 -34.50 -10.22 2.49
C TYR A 42 -33.80 -9.46 1.37
N GLU A 43 -34.36 -8.32 0.93
CA GLU A 43 -33.86 -7.58 -0.24
C GLU A 43 -33.62 -6.11 0.09
N SER A 44 -32.46 -5.61 -0.34
CA SER A 44 -32.14 -4.18 -0.36
C SER A 44 -31.71 -3.78 -1.77
N THR A 45 -32.19 -2.62 -2.21
CA THR A 45 -31.89 -2.18 -3.56
C THR A 45 -31.49 -0.70 -3.55
N ARG A 46 -30.77 -0.29 -4.59
CA ARG A 46 -30.43 1.13 -4.78
C ARG A 46 -31.68 2.02 -4.82
N SER A 47 -32.74 1.50 -5.45
CA SER A 47 -34.04 2.20 -5.55
C SER A 47 -34.64 2.51 -4.18
N GLY A 48 -34.20 1.80 -3.14
CA GLY A 48 -34.56 2.18 -1.76
C GLY A 48 -35.24 1.13 -0.86
N ARG A 49 -35.36 -0.11 -1.33
CA ARG A 49 -35.82 -1.20 -0.45
C ARG A 49 -34.76 -1.48 0.60
N ARG A 50 -35.16 -1.60 1.87
CA ARG A 50 -34.21 -1.83 2.96
C ARG A 50 -34.54 -3.10 3.75
N MET A 51 -33.78 -4.16 3.45
CA MET A 51 -33.94 -5.47 4.09
C MET A 51 -35.42 -5.89 4.15
N GLU A 52 -36.09 -5.79 3.00
CA GLU A 52 -37.52 -6.07 2.91
C GLU A 52 -37.74 -7.59 2.85
N LEU A 53 -38.72 -8.09 3.59
CA LEU A 53 -38.98 -9.54 3.70
C LEU A 53 -39.99 -9.97 2.66
N SER A 54 -39.69 -11.03 1.93
CA SER A 54 -40.71 -11.75 1.19
C SER A 54 -40.44 -13.23 1.31
N MET A 55 -41.33 -14.03 0.75
CA MET A 55 -41.20 -15.49 0.88
C MET A 55 -41.60 -16.15 -0.40
N GLY A 56 -41.12 -17.38 -0.58
CA GLY A 56 -41.25 -18.09 -1.84
C GLY A 56 -41.28 -19.58 -1.59
N PRO A 57 -41.71 -20.37 -2.58
CA PRO A 57 -41.78 -21.83 -2.44
C PRO A 57 -40.47 -22.52 -2.80
N ILE A 58 -40.12 -23.59 -2.09
CA ILE A 58 -39.03 -24.47 -2.53
C ILE A 58 -39.62 -25.57 -3.43
N GLN A 59 -39.10 -25.68 -4.65
CA GLN A 59 -39.69 -26.54 -5.67
C GLN A 59 -38.92 -27.86 -5.76
N ALA A 60 -39.62 -28.93 -6.14
CA ALA A 60 -39.02 -30.25 -6.23
C ALA A 60 -38.13 -30.39 -7.46
N ASN A 61 -38.53 -29.75 -8.57
CA ASN A 61 -37.84 -29.88 -9.86
C ASN A 61 -37.46 -28.53 -10.43
N HIS A 62 -36.52 -28.55 -11.36
CA HIS A 62 -36.10 -27.38 -12.11
C HIS A 62 -35.74 -27.77 -13.54
N THR A 63 -36.19 -26.98 -14.50
CA THR A 63 -35.71 -27.11 -15.88
C THR A 63 -35.37 -25.73 -16.43
N GLY A 64 -34.31 -25.66 -17.22
CA GLY A 64 -34.00 -24.45 -17.97
C GLY A 64 -32.51 -24.24 -18.06
N THR A 65 -32.11 -23.21 -18.77
CA THR A 65 -30.70 -23.02 -19.13
C THR A 65 -30.13 -21.87 -18.31
N GLY A 66 -30.92 -21.36 -17.36
CA GLY A 66 -30.58 -20.13 -16.63
C GLY A 66 -29.47 -20.41 -15.64
N LEU A 67 -28.92 -19.34 -15.06
CA LEU A 67 -27.86 -19.51 -14.08
C LEU A 67 -28.35 -20.36 -12.91
N LEU A 68 -27.59 -21.39 -12.53
CA LEU A 68 -27.91 -22.23 -11.38
C LEU A 68 -26.79 -22.15 -10.36
N LEU A 69 -27.12 -21.87 -9.09
CA LEU A 69 -26.13 -21.95 -8.00
C LEU A 69 -26.45 -23.14 -7.13
N THR A 70 -25.50 -24.07 -7.03
CA THR A 70 -25.77 -25.35 -6.39
C THR A 70 -24.99 -25.41 -5.07
N LEU A 71 -25.72 -25.54 -3.98
CA LEU A 71 -25.13 -25.78 -2.66
C LEU A 71 -24.38 -27.12 -2.63
N GLN A 72 -23.24 -27.15 -1.94
CA GLN A 72 -22.52 -28.38 -1.61
C GLN A 72 -22.42 -28.52 -0.10
N PRO A 73 -23.50 -28.95 0.57
CA PRO A 73 -23.55 -28.84 2.03
C PRO A 73 -22.57 -29.74 2.76
N GLU A 74 -22.03 -30.73 2.05
CA GLU A 74 -21.02 -31.61 2.63
C GLU A 74 -19.58 -31.09 2.48
N GLN A 75 -19.39 -30.03 1.70
CA GLN A 75 -18.08 -29.40 1.59
C GLN A 75 -18.05 -28.31 2.64
N LYS A 76 -17.29 -28.51 3.71
CA LYS A 76 -17.43 -27.67 4.89
C LYS A 76 -16.18 -26.82 5.01
N PHE A 77 -16.34 -25.53 5.31
CA PHE A 77 -15.17 -24.66 5.46
C PHE A 77 -15.06 -24.08 6.86
N GLN A 78 -14.82 -22.77 6.97
CA GLN A 78 -14.59 -22.16 8.27
C GLN A 78 -15.88 -21.90 9.05
N LYS A 79 -15.76 -21.89 10.38
CA LYS A 79 -16.83 -21.42 11.24
C LYS A 79 -16.71 -19.93 11.57
N VAL A 80 -17.86 -19.26 11.56
CA VAL A 80 -17.95 -17.83 11.72
C VAL A 80 -17.87 -17.43 13.19
N LYS A 81 -16.99 -16.45 13.47
CA LYS A 81 -16.93 -15.81 14.78
C LYS A 81 -17.98 -14.69 14.87
N GLY A 82 -18.03 -13.80 13.89
CA GLY A 82 -19.10 -12.78 13.90
C GLY A 82 -18.73 -11.48 13.20
N PHE A 83 -19.52 -10.43 13.49
CA PHE A 83 -19.50 -9.15 12.76
C PHE A 83 -19.72 -8.05 13.78
N GLY A 84 -19.13 -6.88 13.53
CA GLY A 84 -19.47 -5.70 14.32
C GLY A 84 -18.66 -4.50 13.86
N GLY A 85 -18.30 -3.63 14.80
CA GLY A 85 -17.72 -2.31 14.52
C GLY A 85 -16.93 -1.83 15.72
N ALA A 86 -16.35 -0.63 15.63
CA ALA A 86 -15.43 -0.15 16.66
C ALA A 86 -15.99 0.96 17.51
N MET A 87 -15.83 0.84 18.83
CA MET A 87 -16.19 1.87 19.76
C MET A 87 -14.97 2.76 19.99
N THR A 88 -14.66 3.59 19.02
CA THR A 88 -13.62 4.64 19.16
C THR A 88 -14.11 5.77 20.05
N ASP A 89 -13.23 6.68 20.47
CA ASP A 89 -13.65 7.92 21.13
C ASP A 89 -14.63 8.68 20.24
N ALA A 90 -14.31 8.83 18.95
CA ALA A 90 -15.20 9.56 18.05
C ALA A 90 -16.60 8.92 17.96
N ALA A 91 -16.65 7.60 17.88
CA ALA A 91 -17.95 6.95 17.81
C ALA A 91 -18.70 7.25 19.11
N ALA A 92 -18.03 7.11 20.26
CA ALA A 92 -18.69 7.34 21.57
C ALA A 92 -19.21 8.79 21.74
N LEU A 93 -18.38 9.77 21.41
CA LEU A 93 -18.76 11.19 21.42
C LEU A 93 -19.98 11.45 20.55
N ASN A 94 -19.98 10.92 19.34
CA ASN A 94 -21.14 11.06 18.47
C ASN A 94 -22.43 10.47 19.03
N ILE A 95 -22.35 9.24 19.52
CA ILE A 95 -23.55 8.56 20.00
C ILE A 95 -24.10 9.34 21.19
N LEU A 96 -23.21 9.75 22.08
CA LEU A 96 -23.56 10.39 23.37
C LEU A 96 -24.01 11.83 23.19
N ALA A 97 -23.85 12.36 21.99
CA ALA A 97 -24.34 13.70 21.68
C ALA A 97 -25.82 13.70 21.38
N LEU A 98 -26.39 12.51 21.12
CA LEU A 98 -27.84 12.33 20.95
C LEU A 98 -28.54 12.30 22.32
N SER A 99 -29.84 12.60 22.36
CA SER A 99 -30.61 12.44 23.61
C SER A 99 -30.69 10.94 23.93
N PRO A 100 -30.85 10.57 25.21
CA PRO A 100 -30.86 9.15 25.57
C PRO A 100 -31.78 8.20 24.75
N PRO A 101 -33.03 8.59 24.44
CA PRO A 101 -33.85 7.70 23.60
C PRO A 101 -33.32 7.47 22.17
N ALA A 102 -32.75 8.50 21.55
CA ALA A 102 -32.10 8.38 20.22
C ALA A 102 -30.86 7.48 20.33
N GLN A 103 -30.04 7.68 21.37
CA GLN A 103 -28.90 6.82 21.65
C GLN A 103 -29.31 5.36 21.70
N ASN A 104 -30.38 5.09 22.45
CA ASN A 104 -30.93 3.73 22.56
C ASN A 104 -31.32 3.15 21.21
N LEU A 105 -31.90 3.98 20.33
CA LEU A 105 -32.35 3.46 19.04
C LEU A 105 -31.14 3.18 18.13
N LEU A 106 -30.09 4.00 18.25
CA LEU A 106 -28.87 3.79 17.46
C LEU A 106 -28.23 2.48 17.93
N LEU A 107 -28.04 2.32 19.25
CA LEU A 107 -27.49 1.06 19.81
C LEU A 107 -28.32 -0.18 19.48
N LYS A 108 -29.65 -0.06 19.55
CA LYS A 108 -30.51 -1.17 19.15
C LYS A 108 -30.40 -1.50 17.66
N SER A 109 -30.23 -0.48 16.82
CA SER A 109 -30.05 -0.68 15.38
C SER A 109 -28.94 -1.70 15.11
N TYR A 110 -27.86 -1.57 15.87
CA TYR A 110 -26.67 -2.41 15.74
C TYR A 110 -26.78 -3.76 16.49
N PHE A 111 -27.23 -3.72 17.74
CA PHE A 111 -26.94 -4.79 18.70
C PHE A 111 -28.16 -5.66 19.02
N SER A 112 -29.34 -5.09 18.82
CA SER A 112 -30.56 -5.82 19.16
C SER A 112 -30.98 -6.79 18.04
N GLU A 113 -31.76 -7.81 18.41
CA GLU A 113 -32.43 -8.65 17.42
C GLU A 113 -33.44 -7.86 16.60
N GLU A 114 -33.96 -6.75 17.14
CA GLU A 114 -34.81 -5.85 16.35
C GLU A 114 -33.96 -5.03 15.36
N GLY A 115 -32.64 -5.17 15.46
CA GLY A 115 -31.72 -4.49 14.53
C GLY A 115 -30.96 -5.58 13.81
N ILE A 116 -29.64 -5.39 13.62
CA ILE A 116 -28.86 -6.31 12.77
C ILE A 116 -27.89 -7.22 13.54
N GLY A 117 -28.02 -7.30 14.86
CA GLY A 117 -27.41 -8.45 15.58
C GLY A 117 -25.90 -8.50 15.60
N TYR A 118 -25.23 -7.34 15.60
CA TYR A 118 -23.77 -7.29 15.85
C TYR A 118 -23.35 -8.07 17.06
N ASN A 119 -22.20 -8.73 16.97
CA ASN A 119 -21.72 -9.48 18.12
C ASN A 119 -20.24 -9.26 18.38
N ILE A 120 -19.64 -8.22 17.77
CA ILE A 120 -18.24 -7.91 18.02
C ILE A 120 -18.09 -6.41 18.21
N ILE A 121 -17.29 -6.00 19.21
CA ILE A 121 -16.94 -4.57 19.40
C ILE A 121 -15.46 -4.46 19.51
N ARG A 122 -14.85 -3.74 18.56
CA ARG A 122 -13.40 -3.44 18.66
C ARG A 122 -13.18 -2.20 19.49
N VAL A 123 -12.24 -2.27 20.45
CA VAL A 123 -12.00 -1.22 21.43
C VAL A 123 -10.54 -0.76 21.31
N PRO A 124 -10.29 0.49 20.88
CA PRO A 124 -8.90 0.93 20.95
C PRO A 124 -8.37 0.97 22.37
N MET A 125 -7.11 0.56 22.56
CA MET A 125 -6.42 0.74 23.83
C MET A 125 -5.77 2.15 23.85
N ALA A 126 -6.48 3.09 24.49
CA ALA A 126 -6.16 4.51 24.51
C ALA A 126 -6.30 5.13 23.14
N SER A 127 -5.55 6.19 22.83
CA SER A 127 -6.00 7.09 21.75
C SER A 127 -5.63 6.57 20.34
N CYS A 128 -6.46 6.91 19.34
CA CYS A 128 -6.03 6.76 17.97
C CYS A 128 -6.34 8.06 17.19
N ASP A 129 -6.34 8.02 15.87
CA ASP A 129 -6.62 9.25 15.15
C ASP A 129 -8.06 9.69 15.37
N PHE A 130 -8.97 8.72 15.59
CA PHE A 130 -10.36 9.02 15.96
C PHE A 130 -10.56 9.25 17.45
N SER A 131 -9.78 10.21 17.96
CA SER A 131 -9.81 10.68 19.32
C SER A 131 -9.62 12.19 19.13
N ILE A 132 -10.05 12.98 20.11
CA ILE A 132 -9.85 14.44 20.00
C ILE A 132 -8.63 14.92 20.77
N ARG A 133 -7.99 14.01 21.50
CA ARG A 133 -6.69 14.31 22.10
C ARG A 133 -5.79 13.07 22.13
N THR A 134 -4.50 13.30 22.28
CA THR A 134 -3.53 12.19 22.28
C THR A 134 -3.24 11.86 23.72
N TYR A 135 -3.29 10.58 24.06
CA TYR A 135 -3.04 10.12 25.41
C TYR A 135 -2.76 8.63 25.32
N THR A 136 -2.01 8.14 26.30
CA THR A 136 -1.99 6.71 26.61
C THR A 136 -2.45 6.48 28.07
N TYR A 137 -2.39 5.23 28.53
CA TYR A 137 -2.86 4.93 29.88
C TYR A 137 -1.72 5.10 30.88
N ALA A 138 -0.52 5.39 30.40
CA ALA A 138 0.64 5.48 31.32
C ALA A 138 1.60 6.57 30.82
N ASP A 139 1.13 7.82 30.81
CA ASP A 139 1.92 8.92 30.24
C ASP A 139 2.96 9.52 31.21
N THR A 140 2.93 9.13 32.48
CA THR A 140 4.00 9.57 33.42
C THR A 140 5.33 8.99 32.99
N PRO A 141 6.32 9.86 32.69
CA PRO A 141 7.54 9.36 32.05
C PRO A 141 8.30 8.33 32.89
N ASP A 142 8.81 7.30 32.23
CA ASP A 142 9.69 6.28 32.83
C ASP A 142 9.03 5.46 33.96
N ASP A 143 7.71 5.38 33.95
CA ASP A 143 6.94 4.63 34.93
C ASP A 143 6.99 3.12 34.58
N PHE A 144 8.19 2.53 34.64
CA PHE A 144 8.34 1.13 34.26
C PHE A 144 7.52 0.20 35.13
N GLN A 145 7.25 0.61 36.38
CA GLN A 145 6.41 -0.21 37.27
C GLN A 145 4.93 -0.14 36.89
N LEU A 146 4.58 0.83 36.04
CA LEU A 146 3.19 1.16 35.71
C LEU A 146 2.32 1.45 36.94
N HIS A 147 2.92 2.16 37.91
CA HIS A 147 2.19 2.57 39.11
C HIS A 147 1.12 3.59 38.78
N ASN A 148 1.36 4.40 37.75
CA ASN A 148 0.44 5.45 37.37
C ASN A 148 -0.33 5.09 36.08
N PHE A 149 -0.47 3.80 35.81
CA PHE A 149 -1.37 3.33 34.77
C PHE A 149 -2.81 3.64 35.15
N SER A 150 -3.58 4.24 34.25
CA SER A 150 -5.01 4.46 34.56
C SER A 150 -5.89 4.76 33.35
N LEU A 151 -7.15 4.39 33.43
CA LEU A 151 -8.12 4.74 32.39
C LEU A 151 -8.66 6.15 32.66
N PRO A 152 -8.63 7.03 31.64
CA PRO A 152 -9.18 8.36 31.70
C PRO A 152 -10.67 8.35 31.36
N GLU A 153 -11.31 9.51 31.28
CA GLU A 153 -12.78 9.56 31.14
C GLU A 153 -13.28 9.05 29.78
N GLU A 154 -12.41 9.13 28.78
CA GLU A 154 -12.71 8.55 27.47
C GLU A 154 -13.17 7.10 27.61
N ASP A 155 -12.49 6.36 28.49
CA ASP A 155 -12.92 4.99 28.80
C ASP A 155 -14.06 4.99 29.82
N THR A 156 -13.87 5.61 30.97
CA THR A 156 -14.78 5.36 32.10
C THR A 156 -16.13 6.09 31.98
N LYS A 157 -16.15 7.22 31.29
CA LYS A 157 -17.39 7.96 31.09
C LYS A 157 -18.05 7.75 29.71
N LEU A 158 -17.24 7.44 28.68
CA LEU A 158 -17.74 7.34 27.29
C LEU A 158 -17.83 5.90 26.79
N LYS A 159 -16.68 5.24 26.60
CA LYS A 159 -16.66 3.93 25.94
C LYS A 159 -17.30 2.84 26.81
N ILE A 160 -16.85 2.75 28.06
CA ILE A 160 -17.31 1.66 28.93
C ILE A 160 -18.85 1.64 29.15
N PRO A 161 -19.47 2.77 29.55
CA PRO A 161 -20.94 2.75 29.67
C PRO A 161 -21.68 2.38 28.39
N LEU A 162 -21.19 2.84 27.23
CA LEU A 162 -21.81 2.53 25.97
C LEU A 162 -21.65 1.05 25.60
N ILE A 163 -20.48 0.46 25.86
CA ILE A 163 -20.32 -0.99 25.70
C ILE A 163 -21.27 -1.81 26.59
N HIS A 164 -21.36 -1.45 27.85
CA HIS A 164 -22.38 -2.05 28.71
C HIS A 164 -23.79 -1.98 28.15
N ARG A 165 -24.22 -0.81 27.72
CA ARG A 165 -25.55 -0.65 27.12
CA ARG A 165 -25.54 -0.66 27.13
C ARG A 165 -25.74 -1.51 25.87
N ALA A 166 -24.71 -1.56 25.00
CA ALA A 166 -24.73 -2.51 23.89
C ALA A 166 -24.93 -3.99 24.30
N LEU A 167 -24.14 -4.45 25.29
CA LEU A 167 -24.33 -5.79 25.84
C LEU A 167 -25.71 -6.01 26.40
N GLN A 168 -26.29 -5.00 27.05
CA GLN A 168 -27.61 -5.17 27.66
C GLN A 168 -28.70 -5.35 26.60
N LEU A 169 -28.50 -4.71 25.44
CA LEU A 169 -29.46 -4.73 24.35
C LEU A 169 -29.36 -5.97 23.49
N ALA A 170 -28.19 -6.64 23.52
CA ALA A 170 -27.94 -7.79 22.64
C ALA A 170 -28.53 -9.07 23.24
N GLN A 171 -29.19 -9.88 22.42
CA GLN A 171 -29.52 -11.29 22.81
C GLN A 171 -28.30 -12.19 22.70
N ARG A 172 -27.60 -12.05 21.57
CA ARG A 172 -26.39 -12.82 21.29
C ARG A 172 -25.22 -12.41 22.17
N PRO A 173 -24.38 -13.38 22.58
CA PRO A 173 -23.17 -13.04 23.32
C PRO A 173 -22.29 -12.13 22.47
N VAL A 174 -21.75 -11.07 23.05
CA VAL A 174 -20.93 -10.12 22.30
C VAL A 174 -19.47 -10.31 22.68
N SER A 175 -18.59 -10.32 21.68
CA SER A 175 -17.14 -10.50 21.93
C SER A 175 -16.43 -9.18 21.78
N LEU A 176 -15.57 -8.83 22.72
CA LEU A 176 -14.80 -7.58 22.63
C LEU A 176 -13.37 -7.86 22.19
N LEU A 177 -12.79 -6.94 21.40
CA LEU A 177 -11.49 -7.15 20.75
C LEU A 177 -10.74 -5.85 21.00
N ALA A 178 -9.55 -5.90 21.63
CA ALA A 178 -8.79 -4.68 21.93
C ALA A 178 -7.59 -4.59 21.01
N SER A 179 -7.23 -3.36 20.60
CA SER A 179 -6.03 -3.12 19.80
C SER A 179 -5.36 -1.81 20.23
N PRO A 180 -4.03 -1.83 20.45
CA PRO A 180 -3.32 -0.57 20.73
C PRO A 180 -2.78 0.09 19.44
N TRP A 181 -2.78 1.43 19.41
CA TRP A 181 -2.13 2.19 18.33
C TRP A 181 -0.70 2.54 18.74
N THR A 182 -0.55 3.20 19.90
CA THR A 182 0.79 3.59 20.38
C THR A 182 1.00 3.15 21.81
N SER A 183 2.25 2.84 22.15
CA SER A 183 2.71 2.85 23.55
C SER A 183 2.93 4.24 24.14
N PRO A 184 3.03 4.36 25.48
CA PRO A 184 3.63 5.57 26.07
C PRO A 184 4.89 5.98 25.32
N THR A 185 5.13 7.28 25.20
CA THR A 185 6.20 7.72 24.29
C THR A 185 7.59 7.43 24.85
N TRP A 186 7.68 7.29 26.16
CA TRP A 186 8.97 7.03 26.81
C TRP A 186 9.41 5.57 26.63
N LEU A 187 8.55 4.75 26.01
CA LEU A 187 8.93 3.41 25.57
C LEU A 187 9.42 3.35 24.12
N LYS A 188 9.36 4.48 23.41
CA LYS A 188 9.58 4.51 21.94
C LYS A 188 10.89 5.18 21.54
N THR A 189 11.46 4.71 20.42
CA THR A 189 12.73 5.23 19.89
C THR A 189 12.69 6.72 19.55
N ASN A 190 11.54 7.19 19.05
CA ASN A 190 11.39 8.55 18.57
C ASN A 190 10.69 9.46 19.59
N GLY A 191 10.26 8.90 20.73
CA GLY A 191 9.60 9.69 21.77
C GLY A 191 8.37 10.49 21.37
N ALA A 192 7.59 9.94 20.43
CA ALA A 192 6.39 10.63 20.00
C ALA A 192 5.32 9.57 19.75
N VAL A 193 4.05 9.99 19.75
CA VAL A 193 2.93 9.03 19.56
C VAL A 193 2.81 8.55 18.12
N ASN A 194 3.30 9.36 17.19
CA ASN A 194 3.28 8.99 15.77
C ASN A 194 4.68 9.03 15.18
N GLY A 195 4.78 9.01 13.84
CA GLY A 195 6.08 9.06 13.20
C GLY A 195 6.70 7.68 13.15
N LYS A 196 7.90 7.56 12.56
CA LYS A 196 8.62 6.29 12.51
C LYS A 196 9.29 6.06 13.85
N GLY A 197 9.03 4.91 14.45
CA GLY A 197 9.47 4.65 15.82
C GLY A 197 8.93 3.32 16.25
N SER A 198 9.73 2.58 17.01
CA SER A 198 9.34 1.29 17.54
C SER A 198 9.61 1.35 19.04
N LEU A 199 9.33 0.25 19.74
CA LEU A 199 9.77 0.14 21.15
C LEU A 199 11.28 0.23 21.21
N LYS A 200 11.83 0.83 22.27
CA LYS A 200 13.29 0.87 22.45
C LYS A 200 13.79 -0.53 22.73
N GLY A 201 15.10 -0.75 22.53
CA GLY A 201 15.75 -2.02 22.86
C GLY A 201 15.32 -3.19 22.01
N GLN A 202 15.12 -4.34 22.66
CA GLN A 202 14.79 -5.58 21.93
C GLN A 202 13.89 -6.46 22.75
N PRO A 203 13.09 -7.30 22.09
CA PRO A 203 12.22 -8.24 22.79
C PRO A 203 12.95 -8.98 23.90
N GLY A 204 12.27 -9.16 25.03
CA GLY A 204 12.83 -9.86 26.18
C GLY A 204 13.44 -8.92 27.19
N ASP A 205 13.49 -7.62 26.83
CA ASP A 205 14.13 -6.60 27.67
C ASP A 205 13.11 -5.76 28.46
N ILE A 206 13.59 -4.83 29.28
CA ILE A 206 12.68 -4.09 30.20
C ILE A 206 11.56 -3.32 29.46
N TYR A 207 11.87 -2.74 28.30
CA TYR A 207 10.84 -1.97 27.54
C TYR A 207 9.74 -2.89 27.03
N HIS A 208 10.12 -4.05 26.51
CA HIS A 208 9.14 -4.99 25.97
C HIS A 208 8.36 -5.69 27.09
N GLN A 209 9.01 -5.91 28.24
CA GLN A 209 8.31 -6.52 29.35
C GLN A 209 7.30 -5.55 29.91
N THR A 210 7.67 -4.27 29.99
CA THR A 210 6.74 -3.22 30.41
C THR A 210 5.56 -3.07 29.44
N TRP A 211 5.85 -3.08 28.14
CA TRP A 211 4.76 -2.92 27.17
C TRP A 211 3.80 -4.13 27.26
N ALA A 212 4.32 -5.35 27.42
CA ALA A 212 3.43 -6.52 27.58
C ALA A 212 2.61 -6.43 28.88
N ARG A 213 3.22 -5.95 29.95
CA ARG A 213 2.47 -5.73 31.19
C ARG A 213 1.33 -4.72 31.05
N TYR A 214 1.54 -3.69 30.23
CA TYR A 214 0.49 -2.71 29.92
C TYR A 214 -0.77 -3.37 29.36
N PHE A 215 -0.63 -4.42 28.57
CA PHE A 215 -1.83 -5.10 28.04
C PHE A 215 -2.57 -5.74 29.23
N VAL A 216 -1.84 -6.43 30.11
CA VAL A 216 -2.49 -7.00 31.33
C VAL A 216 -3.17 -5.92 32.20
N LYS A 217 -2.50 -4.77 32.39
CA LYS A 217 -3.09 -3.68 33.15
C LYS A 217 -4.37 -3.16 32.52
N PHE A 218 -4.37 -3.03 31.20
CA PHE A 218 -5.59 -2.69 30.45
C PHE A 218 -6.73 -3.70 30.72
N LEU A 219 -6.42 -4.99 30.62
CA LEU A 219 -7.45 -6.00 30.78
C LEU A 219 -7.96 -6.02 32.25
N ASP A 220 -7.04 -5.84 33.21
CA ASP A 220 -7.39 -5.66 34.64
C ASP A 220 -8.35 -4.50 34.82
N ALA A 221 -8.03 -3.35 34.22
CA ALA A 221 -8.86 -2.15 34.36
C ALA A 221 -10.26 -2.30 33.76
N TYR A 222 -10.35 -2.90 32.57
CA TYR A 222 -11.69 -3.18 32.00
C TYR A 222 -12.46 -4.21 32.84
N ALA A 223 -11.75 -5.20 33.37
CA ALA A 223 -12.36 -6.22 34.23
C ALA A 223 -12.92 -5.62 35.54
N GLU A 224 -12.28 -4.58 36.04
CA GLU A 224 -12.77 -3.82 37.19
C GLU A 224 -14.10 -3.14 36.87
N HIS A 225 -14.33 -2.89 35.59
CA HIS A 225 -15.59 -2.32 35.10
C HIS A 225 -16.48 -3.39 34.52
N LYS A 226 -16.20 -4.65 34.88
CA LYS A 226 -17.03 -5.81 34.54
C LYS A 226 -17.12 -6.09 33.03
N LEU A 227 -16.03 -5.77 32.31
CA LEU A 227 -15.90 -6.12 30.90
C LEU A 227 -14.71 -7.05 30.69
N GLN A 228 -14.94 -8.15 29.96
CA GLN A 228 -13.91 -9.10 29.63
C GLN A 228 -13.74 -9.16 28.11
N PHE A 229 -12.52 -9.46 27.66
CA PHE A 229 -12.20 -9.51 26.24
C PHE A 229 -12.13 -10.90 25.69
N TRP A 230 -12.70 -11.08 24.50
CA TRP A 230 -12.49 -12.28 23.69
C TRP A 230 -11.06 -12.33 23.18
N ALA A 231 -10.55 -11.21 22.65
CA ALA A 231 -9.25 -11.23 21.98
C ALA A 231 -8.56 -9.88 22.05
N VAL A 232 -7.24 -9.88 21.88
CA VAL A 232 -6.48 -8.65 21.67
C VAL A 232 -5.61 -8.85 20.42
N THR A 233 -5.27 -7.78 19.74
CA THR A 233 -4.26 -7.86 18.67
C THR A 233 -2.93 -7.35 19.19
N ALA A 234 -1.85 -7.71 18.52
CA ALA A 234 -0.52 -7.53 19.07
C ALA A 234 -0.07 -6.10 18.82
N GLU A 235 -0.77 -5.41 17.90
CA GLU A 235 -0.51 -3.99 17.53
C GLU A 235 -1.45 -3.67 16.37
N ASN A 236 -2.10 -2.49 16.38
CA ASN A 236 -2.78 -2.01 15.16
C ASN A 236 -1.75 -1.65 14.08
N GLU A 237 -1.91 -2.16 12.86
CA GLU A 237 -1.05 -1.80 11.74
C GLU A 237 0.42 -1.59 12.13
N PRO A 238 1.10 -2.66 12.57
CA PRO A 238 2.50 -2.55 12.98
C PRO A 238 3.41 -1.94 11.89
N SER A 239 3.04 -2.13 10.61
CA SER A 239 3.92 -1.71 9.53
C SER A 239 3.93 -0.18 9.43
N ALA A 240 2.91 0.48 9.98
CA ALA A 240 2.74 1.94 9.88
C ALA A 240 3.89 2.69 10.57
N GLY A 241 4.33 2.17 11.71
CA GLY A 241 5.44 2.78 12.46
C GLY A 241 6.82 2.57 11.89
N LEU A 242 6.86 1.88 10.75
CA LEU A 242 8.06 1.78 9.92
C LEU A 242 8.23 2.91 8.89
N LEU A 243 7.25 3.81 8.81
CA LEU A 243 7.18 4.73 7.68
C LEU A 243 7.46 6.15 8.18
N SER A 244 8.46 6.82 7.59
CA SER A 244 8.82 8.20 7.95
C SER A 244 7.61 9.11 7.95
N GLY A 245 7.43 9.83 9.05
CA GLY A 245 6.41 10.84 9.16
C GLY A 245 5.00 10.33 9.38
N TYR A 246 4.84 9.02 9.56
CA TYR A 246 3.48 8.48 9.63
C TYR A 246 2.62 9.31 10.60
N PRO A 247 1.46 9.83 10.11
CA PRO A 247 0.77 10.91 10.80
C PRO A 247 -0.06 10.53 12.03
N PHE A 248 -0.48 9.27 12.12
CA PHE A 248 -1.39 8.83 13.20
C PHE A 248 -0.63 8.03 14.24
N GLN A 249 -1.19 7.89 15.46
CA GLN A 249 -0.57 7.07 16.51
C GLN A 249 -0.20 5.70 15.96
N CYS A 250 1.01 5.25 16.25
CA CYS A 250 1.52 4.01 15.68
C CYS A 250 2.68 3.48 16.52
N LEU A 251 3.14 2.27 16.22
CA LEU A 251 4.27 1.66 16.91
C LEU A 251 4.80 0.59 16.00
N GLY A 252 6.00 0.79 15.47
CA GLY A 252 6.46 0.00 14.32
C GLY A 252 6.99 -1.36 14.77
N PHE A 253 6.59 -2.42 14.07
CA PHE A 253 7.23 -3.75 14.19
C PHE A 253 7.41 -4.35 12.78
N THR A 254 8.62 -4.85 12.48
CA THR A 254 8.85 -5.82 11.41
C THR A 254 8.22 -7.13 11.83
N PRO A 255 8.02 -8.05 10.88
CA PRO A 255 7.46 -9.32 11.29
C PRO A 255 8.35 -10.09 12.31
N GLU A 256 9.67 -9.90 12.23
CA GLU A 256 10.61 -10.60 13.12
C GLU A 256 10.52 -9.98 14.51
N HIS A 257 10.36 -8.66 14.54
CA HIS A 257 10.15 -7.96 15.79
C HIS A 257 8.83 -8.42 16.44
N GLN A 258 7.74 -8.50 15.67
CA GLN A 258 6.50 -9.00 16.24
C GLN A 258 6.63 -10.45 16.69
N ARG A 259 7.24 -11.30 15.86
CA ARG A 259 7.55 -12.71 16.23
C ARG A 259 8.17 -12.77 17.63
N ASP A 260 9.24 -12.02 17.81
CA ASP A 260 10.03 -12.11 19.06
C ASP A 260 9.35 -11.48 20.28
N PHE A 261 8.65 -10.37 20.07
CA PHE A 261 7.80 -9.78 21.12
C PHE A 261 6.72 -10.74 21.61
N ILE A 262 6.03 -11.41 20.70
CA ILE A 262 5.00 -12.36 21.10
C ILE A 262 5.61 -13.52 21.88
N ALA A 263 6.70 -14.07 21.35
CA ALA A 263 7.38 -15.24 21.94
C ALA A 263 7.93 -15.01 23.32
N ARG A 264 8.60 -13.87 23.50
CA ARG A 264 9.36 -13.57 24.73
C ARG A 264 8.58 -12.76 25.75
N ASP A 265 7.65 -11.93 25.27
CA ASP A 265 7.02 -10.93 26.15
C ASP A 265 5.50 -11.07 26.21
N LEU A 266 4.84 -10.76 25.12
CA LEU A 266 3.36 -10.65 25.16
C LEU A 266 2.70 -12.00 25.42
N GLY A 267 3.16 -13.06 24.75
CA GLY A 267 2.56 -14.41 24.94
C GLY A 267 2.67 -14.89 26.39
N PRO A 268 3.90 -15.00 26.92
CA PRO A 268 4.12 -15.43 28.31
C PRO A 268 3.39 -14.59 29.33
N THR A 269 3.37 -13.28 29.12
CA THR A 269 2.81 -12.33 30.10
C THR A 269 1.29 -12.50 30.17
N LEU A 270 0.64 -12.59 29.00
CA LEU A 270 -0.78 -12.94 28.98
C LEU A 270 -1.09 -14.34 29.54
N ALA A 271 -0.32 -15.35 29.13
CA ALA A 271 -0.54 -16.73 29.62
C ALA A 271 -0.39 -16.86 31.14
N ASN A 272 0.45 -16.01 31.73
CA ASN A 272 0.69 -16.01 33.18
C ASN A 272 -0.22 -15.04 33.94
N SER A 273 -1.33 -14.64 33.35
CA SER A 273 -2.20 -13.68 33.99
C SER A 273 -3.56 -14.33 34.19
N THR A 274 -4.46 -13.67 34.92
CA THR A 274 -5.86 -14.12 34.99
C THR A 274 -6.53 -14.08 33.63
N HIS A 275 -5.88 -13.44 32.67
CA HIS A 275 -6.46 -13.22 31.34
C HIS A 275 -5.94 -14.22 30.31
N HIS A 276 -5.44 -15.35 30.79
CA HIS A 276 -4.82 -16.36 29.93
C HIS A 276 -5.76 -16.93 28.87
N ASN A 277 -7.09 -16.79 29.04
CA ASN A 277 -8.04 -17.29 28.02
C ASN A 277 -8.33 -16.31 26.88
N VAL A 278 -7.85 -15.07 27.01
CA VAL A 278 -7.98 -14.05 25.97
C VAL A 278 -7.17 -14.46 24.74
N ARG A 279 -7.76 -14.46 23.55
CA ARG A 279 -7.04 -14.89 22.35
C ARG A 279 -6.08 -13.78 21.89
N LEU A 280 -4.94 -14.16 21.33
CA LEU A 280 -4.01 -13.21 20.74
C LEU A 280 -4.08 -13.34 19.23
N LEU A 281 -4.33 -12.20 18.56
CA LEU A 281 -4.24 -12.10 17.10
C LEU A 281 -3.04 -11.31 16.65
N MET A 282 -2.35 -11.81 15.62
CA MET A 282 -1.18 -11.15 15.08
C MET A 282 -1.56 -10.38 13.81
N LEU A 283 -0.57 -9.63 13.28
CA LEU A 283 -0.71 -8.82 12.07
C LEU A 283 -1.58 -7.57 12.29
N ASP A 284 -2.90 -7.70 12.11
CA ASP A 284 -3.83 -6.54 12.28
C ASP A 284 -3.42 -5.46 11.29
N ASP A 285 -3.21 -5.86 10.03
CA ASP A 285 -2.57 -5.01 9.05
C ASP A 285 -3.01 -5.47 7.64
N GLN A 286 -2.50 -4.82 6.60
CA GLN A 286 -2.99 -5.08 5.24
C GLN A 286 -2.72 -6.53 4.81
N ARG A 287 -3.65 -7.12 4.05
CA ARG A 287 -3.52 -8.55 3.77
C ARG A 287 -2.41 -8.87 2.75
N LEU A 288 -1.91 -7.84 2.05
CA LEU A 288 -0.73 -8.02 1.20
C LEU A 288 0.49 -8.52 1.97
N LEU A 289 0.44 -8.42 3.29
CA LEU A 289 1.59 -8.82 4.13
C LEU A 289 1.58 -10.32 4.38
N LEU A 290 0.53 -10.97 3.86
CA LEU A 290 0.41 -12.41 3.91
C LEU A 290 0.73 -13.02 2.55
N PRO A 291 1.30 -14.24 2.52
CA PRO A 291 1.59 -15.09 3.65
C PRO A 291 2.90 -14.79 4.37
N HIS A 292 3.69 -13.81 3.92
CA HIS A 292 5.02 -13.57 4.52
C HIS A 292 5.00 -13.44 6.06
N TRP A 293 4.15 -12.55 6.58
CA TRP A 293 4.14 -12.33 8.03
C TRP A 293 3.76 -13.59 8.81
N ALA A 294 2.82 -14.39 8.27
CA ALA A 294 2.42 -15.66 8.92
C ALA A 294 3.59 -16.63 8.91
N LYS A 295 4.37 -16.63 7.83
CA LYS A 295 5.51 -17.56 7.77
C LYS A 295 6.55 -17.17 8.81
N VAL A 296 6.83 -15.87 8.94
CA VAL A 296 7.86 -15.40 9.88
C VAL A 296 7.43 -15.69 11.33
N VAL A 297 6.18 -15.34 11.67
CA VAL A 297 5.75 -15.50 13.06
C VAL A 297 5.49 -16.98 13.36
N LEU A 298 4.75 -17.68 12.49
CA LEU A 298 4.18 -18.98 12.89
C LEU A 298 5.12 -20.16 12.70
N THR A 299 6.23 -19.97 11.99
CA THR A 299 7.23 -21.05 11.91
C THR A 299 8.17 -21.09 13.15
N ASP A 300 8.02 -20.11 14.04
CA ASP A 300 8.74 -20.10 15.30
C ASP A 300 7.82 -20.73 16.33
N PRO A 301 8.19 -21.92 16.84
CA PRO A 301 7.21 -22.58 17.71
C PRO A 301 6.99 -21.87 19.05
N GLU A 302 7.97 -21.09 19.53
CA GLU A 302 7.85 -20.24 20.73
CA GLU A 302 7.77 -20.30 20.75
C GLU A 302 6.84 -19.10 20.56
N ALA A 303 6.68 -18.61 19.32
CA ALA A 303 5.66 -17.59 19.02
C ALA A 303 4.33 -18.25 18.66
N ALA A 304 4.39 -19.28 17.82
CA ALA A 304 3.16 -19.92 17.34
C ALA A 304 2.27 -20.47 18.45
N LYS A 305 2.86 -20.92 19.57
CA LYS A 305 2.05 -21.44 20.69
C LYS A 305 1.09 -20.42 21.33
N TYR A 306 1.37 -19.12 21.13
CA TYR A 306 0.51 -18.06 21.68
C TYR A 306 -0.45 -17.40 20.69
N VAL A 307 -0.30 -17.68 19.40
CA VAL A 307 -1.09 -16.99 18.36
C VAL A 307 -2.33 -17.79 17.98
N HIS A 308 -3.49 -17.20 18.20
CA HIS A 308 -4.76 -17.83 17.92
C HIS A 308 -5.18 -17.58 16.48
N GLY A 309 -4.85 -16.38 15.98
CA GLY A 309 -5.39 -15.97 14.71
C GLY A 309 -4.63 -14.80 14.11
N ILE A 310 -5.06 -14.43 12.92
CA ILE A 310 -4.42 -13.41 12.10
C ILE A 310 -5.47 -12.38 11.72
N ALA A 311 -5.26 -11.12 12.10
CA ALA A 311 -6.21 -10.05 11.78
C ALA A 311 -5.76 -9.28 10.55
N VAL A 312 -6.70 -8.91 9.67
CA VAL A 312 -6.35 -8.17 8.47
C VAL A 312 -7.22 -6.94 8.30
N HIS A 313 -6.64 -5.91 7.67
CA HIS A 313 -7.37 -4.68 7.28
C HIS A 313 -7.51 -4.61 5.78
N TRP A 314 -8.49 -3.83 5.31
CA TRP A 314 -8.88 -3.96 3.90
C TRP A 314 -8.23 -2.95 2.93
N TYR A 315 -7.42 -2.02 3.45
CA TYR A 315 -7.21 -0.72 2.80
C TYR A 315 -6.39 -0.82 1.53
N LEU A 316 -5.57 -1.86 1.43
CA LEU A 316 -4.76 -2.05 0.24
C LEU A 316 -5.15 -3.36 -0.48
N ASP A 317 -6.43 -3.72 -0.42
CA ASP A 317 -6.85 -4.99 -1.02
C ASP A 317 -6.59 -5.04 -2.52
N PHE A 318 -6.63 -3.88 -3.17
CA PHE A 318 -6.40 -3.80 -4.65
C PHE A 318 -5.01 -4.34 -5.04
N LEU A 319 -4.06 -4.30 -4.11
CA LEU A 319 -2.73 -4.85 -4.32
C LEU A 319 -2.65 -6.36 -4.04
N ALA A 320 -3.70 -6.94 -3.45
CA ALA A 320 -3.58 -8.24 -2.80
C ALA A 320 -4.74 -9.15 -3.14
N PRO A 321 -4.65 -9.88 -4.25
CA PRO A 321 -5.72 -10.83 -4.58
C PRO A 321 -5.93 -11.84 -3.44
N ALA A 322 -7.19 -12.17 -3.18
CA ALA A 322 -7.52 -12.96 -1.96
C ALA A 322 -6.91 -14.36 -1.99
N LYS A 323 -6.94 -15.00 -3.15
CA LYS A 323 -6.33 -16.32 -3.33
C LYS A 323 -4.85 -16.34 -2.94
N ALA A 324 -4.07 -15.33 -3.37
CA ALA A 324 -2.61 -15.37 -3.15
C ALA A 324 -2.23 -14.98 -1.74
N THR A 325 -3.17 -14.40 -0.98
CA THR A 325 -2.86 -13.91 0.36
C THR A 325 -3.62 -14.73 1.40
N LEU A 326 -4.93 -14.52 1.47
CA LEU A 326 -5.80 -15.26 2.39
C LEU A 326 -5.79 -16.76 2.04
N GLY A 327 -5.95 -17.09 0.76
CA GLY A 327 -6.03 -18.49 0.32
C GLY A 327 -4.72 -19.23 0.62
N GLU A 328 -3.60 -18.59 0.33
CA GLU A 328 -2.31 -19.24 0.55
C GLU A 328 -2.01 -19.37 2.05
N THR A 329 -2.43 -18.39 2.85
CA THR A 329 -2.19 -18.43 4.29
C THR A 329 -3.01 -19.56 4.91
N HIS A 330 -4.25 -19.71 4.44
CA HIS A 330 -5.10 -20.82 4.88
C HIS A 330 -4.49 -22.17 4.53
N ARG A 331 -3.97 -22.32 3.30
CA ARG A 331 -3.38 -23.59 2.88
C ARG A 331 -2.17 -23.94 3.74
N LEU A 332 -1.35 -22.94 4.05
CA LEU A 332 -0.15 -23.15 4.89
C LEU A 332 -0.44 -23.32 6.37
N PHE A 333 -1.40 -22.56 6.89
CA PHE A 333 -1.71 -22.48 8.33
C PHE A 333 -3.21 -22.57 8.57
N PRO A 334 -3.85 -23.70 8.18
CA PRO A 334 -5.31 -23.83 8.21
C PRO A 334 -5.88 -23.73 9.61
N ASN A 335 -5.07 -23.95 10.64
CA ASN A 335 -5.57 -23.95 12.02
C ASN A 335 -5.48 -22.60 12.74
N THR A 336 -5.00 -21.61 12.02
CA THR A 336 -4.85 -20.26 12.56
C THR A 336 -5.86 -19.39 11.84
N MET A 337 -6.96 -19.03 12.52
CA MET A 337 -8.09 -18.38 11.84
C MET A 337 -7.66 -17.03 11.25
N LEU A 338 -8.29 -16.67 10.13
CA LEU A 338 -8.16 -15.35 9.54
C LEU A 338 -9.38 -14.53 9.92
N PHE A 339 -9.18 -13.26 10.26
CA PHE A 339 -10.28 -12.44 10.76
C PHE A 339 -10.08 -11.02 10.24
N ALA A 340 -11.10 -10.44 9.58
CA ALA A 340 -11.01 -9.02 9.15
C ALA A 340 -11.42 -8.06 10.27
N SER A 341 -10.44 -7.30 10.75
CA SER A 341 -10.57 -6.52 11.97
C SER A 341 -10.80 -5.01 11.76
N GLU A 342 -10.65 -4.50 10.53
CA GLU A 342 -10.92 -3.05 10.30
C GLU A 342 -11.11 -2.70 8.83
N ALA A 343 -12.16 -1.92 8.55
CA ALA A 343 -12.47 -1.46 7.20
C ALA A 343 -13.31 -0.19 7.32
N CYS A 344 -13.09 0.73 6.40
CA CYS A 344 -14.01 1.85 6.15
C CYS A 344 -13.74 2.43 4.78
N VAL A 345 -14.74 3.14 4.23
CA VAL A 345 -14.56 3.80 2.96
C VAL A 345 -14.28 5.28 3.23
N GLY A 346 -13.77 5.99 2.23
CA GLY A 346 -13.62 7.43 2.35
C GLY A 346 -12.26 7.86 2.88
N SER A 347 -11.35 6.91 3.08
CA SER A 347 -10.04 7.21 3.69
C SER A 347 -8.86 7.45 2.72
N LYS A 348 -9.10 7.42 1.41
CA LYS A 348 -8.02 7.78 0.48
C LYS A 348 -8.01 9.29 0.24
N PHE A 349 -6.83 9.89 0.01
CA PHE A 349 -6.78 11.38 -0.03
C PHE A 349 -7.74 12.00 -1.05
N TRP A 350 -8.08 11.23 -2.08
CA TRP A 350 -8.95 11.76 -3.14
C TRP A 350 -10.44 11.54 -2.92
N GLU A 351 -10.81 10.87 -1.82
CA GLU A 351 -12.20 10.48 -1.66
C GLU A 351 -12.87 11.47 -0.76
N GLN A 352 -14.13 11.79 -1.07
CA GLN A 352 -15.01 12.49 -0.16
C GLN A 352 -15.21 11.62 1.07
N SER A 353 -15.01 12.21 2.24
CA SER A 353 -15.09 11.49 3.50
CA SER A 353 -15.09 11.49 3.48
C SER A 353 -16.46 10.86 3.67
N VAL A 354 -17.51 11.67 3.63
CA VAL A 354 -18.86 11.13 3.84
C VAL A 354 -19.73 11.39 2.60
N ARG A 355 -20.32 10.34 2.03
CA ARG A 355 -21.27 10.51 0.94
C ARG A 355 -22.62 9.93 1.35
N LEU A 356 -23.46 10.76 1.98
CA LEU A 356 -24.69 10.30 2.58
C LEU A 356 -25.63 9.62 1.59
N GLY A 357 -25.85 8.33 1.79
CA GLY A 357 -26.73 7.58 0.91
C GLY A 357 -26.06 6.82 -0.21
N SER A 358 -24.72 6.78 -0.21
CA SER A 358 -23.94 6.11 -1.29
C SER A 358 -24.22 4.60 -1.37
N TRP A 359 -24.83 4.17 -2.47
CA TRP A 359 -25.01 2.77 -2.72
C TRP A 359 -23.68 2.07 -3.04
N ASP A 360 -22.78 2.79 -3.71
CA ASP A 360 -21.53 2.18 -4.11
C ASP A 360 -20.73 1.75 -2.88
N ARG A 361 -20.80 2.57 -1.82
CA ARG A 361 -20.02 2.27 -0.61
C ARG A 361 -20.63 1.07 0.14
N GLY A 362 -21.96 0.99 0.13
CA GLY A 362 -22.62 -0.25 0.58
C GLY A 362 -22.10 -1.49 -0.15
N MET A 363 -22.14 -1.47 -1.50
CA MET A 363 -21.59 -2.58 -2.31
C MET A 363 -20.13 -2.94 -2.08
N GLN A 364 -19.32 -1.93 -1.77
CA GLN A 364 -17.91 -2.17 -1.38
C GLN A 364 -17.86 -3.02 -0.12
N TYR A 365 -18.69 -2.69 0.88
CA TYR A 365 -18.76 -3.55 2.09
C TYR A 365 -19.15 -4.99 1.79
N SER A 366 -20.29 -5.19 1.11
CA SER A 366 -20.76 -6.58 0.90
C SER A 366 -19.85 -7.36 -0.03
N HIS A 367 -19.29 -6.71 -1.06
CA HIS A 367 -18.31 -7.41 -1.91
C HIS A 367 -17.07 -7.88 -1.12
N SER A 368 -16.53 -7.02 -0.26
CA SER A 368 -15.42 -7.43 0.63
C SER A 368 -15.81 -8.61 1.55
N ILE A 369 -16.95 -8.48 2.23
CA ILE A 369 -17.38 -9.53 3.16
C ILE A 369 -17.54 -10.87 2.43
N ILE A 370 -18.19 -10.87 1.27
CA ILE A 370 -18.33 -12.14 0.54
C ILE A 370 -16.96 -12.68 0.12
N THR A 371 -16.10 -11.80 -0.41
CA THR A 371 -14.78 -12.24 -0.86
C THR A 371 -14.01 -12.81 0.31
N ASN A 372 -14.01 -12.11 1.45
CA ASN A 372 -13.41 -12.62 2.68
C ASN A 372 -13.95 -14.00 3.10
N LEU A 373 -15.27 -14.14 3.19
CA LEU A 373 -15.89 -15.46 3.52
C LEU A 373 -15.50 -16.56 2.55
N LEU A 374 -15.35 -16.23 1.26
CA LEU A 374 -14.99 -17.24 0.27
C LEU A 374 -13.54 -17.69 0.40
N TYR A 375 -12.74 -16.90 1.11
CA TYR A 375 -11.33 -17.24 1.35
C TYR A 375 -11.03 -17.37 2.83
N HIS A 376 -11.95 -18.03 3.54
CA HIS A 376 -11.68 -18.63 4.86
C HIS A 376 -11.76 -17.72 6.05
N VAL A 377 -12.15 -16.46 5.83
CA VAL A 377 -12.14 -15.48 6.92
C VAL A 377 -13.37 -15.70 7.82
N VAL A 378 -13.17 -15.59 9.13
CA VAL A 378 -14.18 -16.01 10.09
C VAL A 378 -15.03 -14.85 10.62
N GLY A 379 -14.71 -13.64 10.24
CA GLY A 379 -15.56 -12.53 10.62
C GLY A 379 -15.02 -11.23 10.09
N TRP A 380 -15.79 -10.16 10.28
CA TRP A 380 -15.55 -8.91 9.58
C TRP A 380 -16.03 -7.75 10.45
N THR A 381 -15.12 -6.80 10.68
CA THR A 381 -15.33 -5.72 11.62
C THR A 381 -15.20 -4.38 10.91
N ASP A 382 -16.27 -3.62 10.96
CA ASP A 382 -16.26 -2.22 10.59
C ASP A 382 -15.39 -1.36 11.54
N TRP A 383 -15.03 -0.16 11.08
CA TRP A 383 -14.30 0.79 11.90
C TRP A 383 -15.35 1.62 12.69
N ASN A 384 -15.23 2.93 12.77
CA ASN A 384 -16.10 3.71 13.68
C ASN A 384 -17.57 3.32 13.58
N LEU A 385 -18.24 3.06 14.71
CA LEU A 385 -19.69 2.76 14.72
C LEU A 385 -20.57 3.92 14.26
N ALA A 386 -20.12 5.15 14.52
CA ALA A 386 -20.85 6.35 14.11
C ALA A 386 -19.83 7.48 13.94
N LEU A 387 -20.13 8.43 13.06
CA LEU A 387 -19.29 9.63 12.86
C LEU A 387 -20.20 10.82 12.63
N ASN A 388 -19.67 12.06 12.69
CA ASN A 388 -20.48 13.22 12.32
C ASN A 388 -20.52 13.40 10.79
N PRO A 389 -21.32 14.38 10.29
CA PRO A 389 -21.43 14.51 8.83
C PRO A 389 -20.13 14.88 8.12
N GLU A 390 -19.12 15.35 8.86
CA GLU A 390 -17.79 15.59 8.32
C GLU A 390 -16.94 14.31 8.25
N GLY A 391 -17.36 13.26 8.97
CA GLY A 391 -16.56 12.05 9.04
C GLY A 391 -15.61 12.08 10.24
N GLY A 392 -15.98 12.85 11.27
CA GLY A 392 -15.12 13.00 12.45
C GLY A 392 -15.86 12.83 13.78
N PRO A 393 -15.26 13.30 14.87
CA PRO A 393 -14.05 14.10 14.95
C PRO A 393 -12.78 13.25 14.82
N ASN A 394 -11.63 13.88 14.60
CA ASN A 394 -10.37 13.16 14.33
C ASN A 394 -9.28 14.22 14.48
N TRP A 395 -8.33 14.00 15.39
CA TRP A 395 -7.39 15.07 15.72
C TRP A 395 -6.42 15.38 14.56
N VAL A 396 -6.30 14.46 13.60
CA VAL A 396 -5.44 14.65 12.41
C VAL A 396 -6.27 14.99 11.18
N ARG A 397 -7.57 15.17 11.39
CA ARG A 397 -8.53 15.43 10.30
C ARG A 397 -8.51 14.36 9.21
N ASN A 398 -8.24 13.10 9.61
CA ASN A 398 -8.30 11.95 8.71
C ASN A 398 -9.74 11.43 8.65
N PHE A 399 -10.66 12.27 8.18
CA PHE A 399 -12.09 11.95 8.16
C PHE A 399 -12.43 10.86 7.14
N VAL A 400 -13.36 10.00 7.53
CA VAL A 400 -13.79 8.86 6.72
C VAL A 400 -15.32 8.71 6.84
N ASP A 401 -15.88 7.67 6.21
CA ASP A 401 -17.32 7.42 6.25
C ASP A 401 -17.65 6.38 7.31
N SER A 402 -18.91 6.33 7.73
CA SER A 402 -19.41 5.36 8.72
C SER A 402 -20.83 4.93 8.36
N PRO A 403 -21.22 3.67 8.64
CA PRO A 403 -22.60 3.24 8.31
C PRO A 403 -23.69 4.07 9.01
N ILE A 404 -23.36 4.69 10.15
CA ILE A 404 -24.29 5.65 10.78
C ILE A 404 -23.65 7.02 10.98
N ILE A 405 -24.38 8.07 10.57
CA ILE A 405 -23.92 9.45 10.66
C ILE A 405 -24.87 10.22 11.58
N VAL A 406 -24.31 10.88 12.59
CA VAL A 406 -25.07 11.53 13.66
C VAL A 406 -25.11 13.04 13.39
N ASP A 407 -26.30 13.63 13.44
CA ASP A 407 -26.49 15.06 13.19
C ASP A 407 -26.87 15.66 14.57
N ILE A 408 -25.86 16.11 15.32
CA ILE A 408 -26.05 16.43 16.74
C ILE A 408 -27.05 17.56 17.01
N THR A 409 -27.01 18.60 16.19
CA THR A 409 -27.87 19.76 16.43
C THR A 409 -29.32 19.45 16.12
N LYS A 410 -29.56 18.29 15.47
CA LYS A 410 -30.91 17.88 15.11
C LYS A 410 -31.42 16.65 15.88
N ASP A 411 -30.62 16.11 16.80
CA ASP A 411 -30.96 14.86 17.50
C ASP A 411 -31.44 13.82 16.47
N THR A 412 -30.73 13.76 15.34
CA THR A 412 -31.01 12.84 14.26
C THR A 412 -29.78 11.97 13.95
N PHE A 413 -30.00 10.73 13.52
CA PHE A 413 -28.96 9.92 12.87
C PHE A 413 -29.46 9.30 11.59
N TYR A 414 -28.53 9.02 10.68
CA TYR A 414 -28.83 8.50 9.35
C TYR A 414 -28.19 7.14 9.18
N LYS A 415 -28.99 6.13 8.84
CA LYS A 415 -28.44 4.79 8.53
C LYS A 415 -28.19 4.67 7.03
N GLN A 416 -26.93 4.44 6.66
CA GLN A 416 -26.52 4.48 5.25
C GLN A 416 -26.64 3.11 4.61
N PRO A 417 -26.51 3.03 3.27
CA PRO A 417 -26.48 1.72 2.63
C PRO A 417 -25.47 0.74 3.25
N MET A 418 -24.26 1.21 3.62
CA MET A 418 -23.28 0.35 4.32
C MET A 418 -23.90 -0.42 5.50
N PHE A 419 -24.81 0.21 6.24
CA PHE A 419 -25.40 -0.42 7.46
C PHE A 419 -26.18 -1.64 7.04
N TYR A 420 -26.98 -1.48 5.97
CA TYR A 420 -27.84 -2.53 5.50
C TYR A 420 -27.05 -3.65 4.82
N HIS A 421 -26.07 -3.31 3.98
CA HIS A 421 -25.18 -4.30 3.39
C HIS A 421 -24.45 -5.13 4.44
N LEU A 422 -23.96 -4.49 5.51
CA LEU A 422 -23.43 -5.27 6.65
C LEU A 422 -24.49 -6.15 7.31
N GLY A 423 -25.70 -5.60 7.46
CA GLY A 423 -26.75 -6.31 8.16
C GLY A 423 -27.22 -7.53 7.41
N HIS A 424 -27.08 -7.54 6.09
CA HIS A 424 -27.41 -8.75 5.34
C HIS A 424 -26.54 -9.93 5.73
N PHE A 425 -25.42 -9.65 6.39
CA PHE A 425 -24.56 -10.73 6.94
C PHE A 425 -24.72 -10.88 8.44
N SER A 426 -24.55 -9.79 9.16
CA SER A 426 -24.56 -9.86 10.64
C SER A 426 -25.88 -10.41 11.17
N LYS A 427 -27.02 -10.03 10.55
CA LYS A 427 -28.31 -10.42 11.12
C LYS A 427 -28.54 -11.90 10.93
N PHE A 428 -28.02 -12.46 9.85
CA PHE A 428 -28.46 -13.78 9.40
C PHE A 428 -27.36 -14.86 9.47
N ILE A 429 -26.19 -14.48 10.00
CA ILE A 429 -25.06 -15.41 10.13
C ILE A 429 -24.54 -15.36 11.58
N PRO A 430 -25.20 -16.12 12.46
CA PRO A 430 -24.74 -16.11 13.83
C PRO A 430 -23.40 -16.83 14.04
N GLU A 431 -22.77 -16.52 15.16
CA GLU A 431 -21.55 -17.18 15.58
C GLU A 431 -21.74 -18.69 15.53
N GLY A 432 -20.77 -19.41 14.94
CA GLY A 432 -20.87 -20.87 14.85
C GLY A 432 -21.42 -21.34 13.52
N SER A 433 -21.98 -20.45 12.70
CA SER A 433 -22.36 -20.81 11.33
C SER A 433 -21.13 -21.29 10.58
N GLN A 434 -21.32 -22.12 9.56
CA GLN A 434 -20.20 -22.70 8.84
C GLN A 434 -20.34 -22.47 7.36
N ARG A 435 -19.33 -21.91 6.71
CA ARG A 435 -19.39 -21.74 5.25
C ARG A 435 -19.38 -23.12 4.57
N VAL A 436 -20.22 -23.29 3.56
CA VAL A 436 -20.26 -24.54 2.81
C VAL A 436 -20.07 -24.23 1.34
N GLY A 437 -19.95 -25.28 0.52
CA GLY A 437 -19.68 -25.12 -0.90
C GLY A 437 -20.85 -24.48 -1.64
N LEU A 438 -20.52 -23.73 -2.70
CA LEU A 438 -21.55 -23.21 -3.62
C LEU A 438 -20.91 -23.00 -4.97
N VAL A 439 -21.46 -23.61 -5.99
CA VAL A 439 -20.87 -23.52 -7.32
C VAL A 439 -21.88 -22.97 -8.31
N ALA A 440 -21.40 -22.34 -9.38
CA ALA A 440 -22.30 -21.71 -10.35
C ALA A 440 -22.18 -22.47 -11.69
N SER A 441 -23.27 -22.52 -12.44
CA SER A 441 -23.32 -23.33 -13.66
C SER A 441 -22.68 -22.62 -14.85
N GLN A 442 -22.50 -21.31 -14.72
CA GLN A 442 -21.91 -20.50 -15.79
C GLN A 442 -21.34 -19.22 -15.20
N LYS A 443 -20.44 -18.58 -15.96
CA LYS A 443 -19.87 -17.29 -15.56
C LYS A 443 -20.96 -16.26 -15.36
N ASN A 444 -20.82 -15.42 -14.34
CA ASN A 444 -21.90 -14.53 -13.95
C ASN A 444 -21.28 -13.30 -13.23
N ASP A 445 -22.06 -12.25 -13.05
CA ASP A 445 -21.52 -11.08 -12.35
C ASP A 445 -21.99 -10.97 -10.89
N LEU A 446 -22.38 -12.08 -10.28
CA LEU A 446 -22.88 -12.09 -8.88
C LEU A 446 -21.75 -12.46 -7.93
N ASP A 447 -21.78 -11.91 -6.72
CA ASP A 447 -20.96 -12.42 -5.61
C ASP A 447 -21.94 -13.16 -4.72
N ALA A 448 -21.61 -14.38 -4.31
CA ALA A 448 -22.55 -15.17 -3.51
C ALA A 448 -21.81 -16.09 -2.57
N VAL A 449 -22.37 -16.32 -1.40
CA VAL A 449 -21.73 -17.21 -0.43
C VAL A 449 -22.85 -17.97 0.28
N ALA A 450 -22.59 -19.26 0.55
CA ALA A 450 -23.54 -20.13 1.30
C ALA A 450 -22.93 -20.56 2.62
N LEU A 451 -23.75 -20.53 3.68
CA LEU A 451 -23.35 -21.05 4.98
C LEU A 451 -24.51 -21.82 5.60
N MET A 452 -24.17 -22.64 6.59
CA MET A 452 -25.17 -23.36 7.40
C MET A 452 -25.13 -22.88 8.84
N HIS A 453 -26.30 -22.54 9.38
CA HIS A 453 -26.48 -22.18 10.77
C HIS A 453 -26.15 -23.35 11.70
N PRO A 454 -25.82 -23.04 12.97
CA PRO A 454 -25.65 -24.11 13.98
C PRO A 454 -26.79 -25.16 14.02
N ASP A 455 -28.01 -24.74 13.72
CA ASP A 455 -29.15 -25.69 13.66
C ASP A 455 -29.28 -26.47 12.36
N GLY A 456 -28.39 -26.23 11.41
CA GLY A 456 -28.40 -26.91 10.11
C GLY A 456 -29.18 -26.22 9.00
N SER A 457 -29.87 -25.12 9.30
CA SER A 457 -30.61 -24.34 8.28
C SER A 457 -29.64 -23.59 7.36
N ALA A 458 -30.10 -23.18 6.17
CA ALA A 458 -29.19 -22.63 5.16
C ALA A 458 -29.33 -21.10 5.09
N VAL A 459 -28.24 -20.41 4.76
CA VAL A 459 -28.27 -18.96 4.46
C VAL A 459 -27.43 -18.74 3.20
N VAL A 460 -27.96 -18.00 2.23
CA VAL A 460 -27.15 -17.62 1.04
C VAL A 460 -27.23 -16.11 0.86
N VAL A 461 -26.08 -15.43 0.67
CA VAL A 461 -26.13 -13.98 0.40
C VAL A 461 -25.72 -13.78 -1.04
N VAL A 462 -26.48 -12.96 -1.78
CA VAL A 462 -26.21 -12.73 -3.20
C VAL A 462 -26.13 -11.24 -3.48
N LEU A 463 -25.01 -10.78 -4.01
CA LEU A 463 -24.84 -9.36 -4.35
C LEU A 463 -24.72 -9.31 -5.86
N ASN A 464 -25.47 -8.41 -6.50
CA ASN A 464 -25.37 -8.24 -7.95
C ASN A 464 -24.52 -7.02 -8.22
N ARG A 465 -23.32 -7.22 -8.75
CA ARG A 465 -22.39 -6.13 -8.99
C ARG A 465 -22.72 -5.33 -10.29
N SER A 466 -23.57 -5.91 -11.15
CA SER A 466 -23.95 -5.34 -12.45
C SER A 466 -25.29 -4.59 -12.39
N SER A 467 -25.55 -3.83 -13.45
CA SER A 467 -26.80 -3.08 -13.58
C SER A 467 -27.93 -3.95 -14.14
N LYS A 468 -27.61 -5.17 -14.56
CA LYS A 468 -28.58 -6.03 -15.26
C LYS A 468 -29.24 -7.00 -14.29
N ASP A 469 -30.57 -7.09 -14.34
CA ASP A 469 -31.29 -8.08 -13.55
C ASP A 469 -30.83 -9.48 -14.00
N VAL A 470 -30.64 -10.40 -13.06
CA VAL A 470 -30.19 -11.75 -13.40
C VAL A 470 -31.17 -12.75 -12.78
N PRO A 471 -32.02 -13.41 -13.60
CA PRO A 471 -32.81 -14.55 -13.11
C PRO A 471 -31.86 -15.66 -12.66
N LEU A 472 -32.19 -16.32 -11.55
CA LEU A 472 -31.35 -17.44 -11.09
C LEU A 472 -32.12 -18.46 -10.27
N THR A 473 -31.54 -19.64 -10.17
CA THR A 473 -32.10 -20.72 -9.39
C THR A 473 -31.01 -21.13 -8.39
N ILE A 474 -31.41 -21.37 -7.12
CA ILE A 474 -30.52 -21.97 -6.13
C ILE A 474 -30.97 -23.42 -5.91
N LYS A 475 -30.05 -24.36 -6.14
CA LYS A 475 -30.29 -25.80 -5.87
C LYS A 475 -29.72 -26.18 -4.50
N ASP A 476 -30.60 -26.70 -3.63
CA ASP A 476 -30.19 -27.40 -2.43
C ASP A 476 -30.42 -28.92 -2.67
N PRO A 477 -29.32 -29.71 -2.81
CA PRO A 477 -29.43 -31.08 -3.31
C PRO A 477 -30.25 -31.89 -2.35
N ALA A 478 -31.14 -32.71 -2.88
CA ALA A 478 -32.11 -33.48 -2.07
C ALA A 478 -33.12 -32.68 -1.24
N VAL A 479 -33.05 -31.34 -1.30
CA VAL A 479 -34.06 -30.47 -0.65
C VAL A 479 -34.99 -29.79 -1.66
N GLY A 480 -34.43 -29.14 -2.69
CA GLY A 480 -35.26 -28.53 -3.74
C GLY A 480 -34.62 -27.32 -4.37
N PHE A 481 -35.41 -26.57 -5.15
CA PHE A 481 -34.93 -25.38 -5.85
C PHE A 481 -35.66 -24.08 -5.41
N LEU A 482 -34.90 -22.97 -5.36
CA LEU A 482 -35.45 -21.64 -5.16
C LEU A 482 -35.34 -20.90 -6.48
N GLU A 483 -36.47 -20.45 -7.03
CA GLU A 483 -36.49 -19.69 -8.28
C GLU A 483 -36.63 -18.24 -7.87
N THR A 484 -35.68 -17.42 -8.29
CA THR A 484 -35.61 -16.05 -7.84
C THR A 484 -35.04 -15.18 -8.94
N ILE A 485 -34.80 -13.92 -8.61
CA ILE A 485 -34.19 -12.98 -9.52
C ILE A 485 -33.40 -12.01 -8.64
N SER A 486 -32.19 -11.68 -9.10
CA SER A 486 -31.32 -10.70 -8.46
C SER A 486 -31.33 -9.43 -9.32
N PRO A 487 -32.09 -8.42 -8.90
CA PRO A 487 -32.08 -7.12 -9.57
C PRO A 487 -30.69 -6.47 -9.63
N GLY A 488 -30.41 -5.75 -10.72
CA GLY A 488 -29.19 -4.93 -10.81
C GLY A 488 -28.91 -4.20 -9.50
N TYR A 489 -27.67 -4.35 -9.03
CA TYR A 489 -27.13 -3.63 -7.87
C TYR A 489 -27.59 -4.10 -6.48
N SER A 490 -28.49 -5.09 -6.47
CA SER A 490 -29.22 -5.45 -5.25
C SER A 490 -28.37 -6.33 -4.38
N ILE A 491 -28.78 -6.46 -3.12
CA ILE A 491 -28.24 -7.50 -2.27
C ILE A 491 -29.41 -8.22 -1.62
N HIS A 492 -29.33 -9.54 -1.60
CA HIS A 492 -30.37 -10.44 -1.10
C HIS A 492 -29.76 -11.37 -0.07
N THR A 493 -30.48 -11.66 1.02
CA THR A 493 -30.14 -12.84 1.85
C THR A 493 -31.30 -13.82 1.82
N TYR A 494 -31.00 -15.09 1.52
CA TYR A 494 -31.99 -16.16 1.50
C TYR A 494 -31.78 -17.09 2.67
N LEU A 495 -32.87 -17.52 3.29
CA LEU A 495 -32.77 -18.46 4.42
C LEU A 495 -33.81 -19.54 4.23
N TRP A 496 -33.44 -20.77 4.56
CA TRP A 496 -34.45 -21.82 4.57
C TRP A 496 -34.05 -22.94 5.51
N HIS A 497 -35.07 -23.54 6.12
CA HIS A 497 -34.86 -24.72 6.92
C HIS A 497 -34.81 -25.94 6.04
N ARG A 498 -33.78 -26.74 6.24
CA ARG A 498 -33.43 -27.86 5.36
C ARG A 498 -34.03 -29.19 5.83
N GLN A 499 -34.89 -29.14 6.85
CA GLN A 499 -35.54 -30.33 7.41
C GLN A 499 -36.67 -30.87 6.55
N LEU A 500 -36.56 -30.91 5.31
N ALA B 3 37.48 22.86 -10.42
CA ALA B 3 37.79 24.21 -9.83
C ALA B 3 36.57 25.12 -9.61
N ARG B 4 35.36 24.56 -9.69
CA ARG B 4 34.13 25.33 -9.42
C ARG B 4 33.30 24.70 -8.31
N PRO B 5 33.46 25.23 -7.09
CA PRO B 5 32.77 24.66 -5.93
C PRO B 5 31.27 24.99 -5.89
N CYS B 6 30.54 24.25 -5.06
CA CYS B 6 29.14 24.55 -4.70
C CYS B 6 29.03 26.00 -4.24
N ILE B 7 28.02 26.73 -4.73
CA ILE B 7 27.58 27.97 -4.08
C ILE B 7 26.43 27.62 -3.12
N PRO B 8 26.73 27.57 -1.80
CA PRO B 8 25.75 27.04 -0.85
C PRO B 8 24.66 28.05 -0.46
N LYS B 9 23.44 27.54 -0.35
CA LYS B 9 22.35 28.34 0.20
C LYS B 9 21.46 27.48 1.08
N SER B 10 21.18 27.98 2.30
CA SER B 10 20.22 27.34 3.18
C SER B 10 18.84 27.97 3.04
N PHE B 11 17.82 27.13 3.11
CA PHE B 11 16.44 27.58 3.10
C PHE B 11 15.77 27.20 4.42
N GLY B 12 16.58 26.84 5.40
CA GLY B 12 16.07 26.51 6.74
C GLY B 12 15.92 25.03 7.04
N TYR B 13 16.38 24.16 6.13
CA TYR B 13 16.25 22.72 6.34
C TYR B 13 17.61 22.19 6.76
N SER B 14 17.78 20.87 6.85
CA SER B 14 18.99 20.33 7.53
C SER B 14 20.32 20.56 6.80
N SER B 15 20.29 20.84 5.49
CA SER B 15 21.52 21.16 4.78
C SER B 15 21.31 22.23 3.71
N VAL B 16 22.30 22.38 2.84
CA VAL B 16 22.30 23.48 1.87
C VAL B 16 21.94 22.90 0.50
N VAL B 17 21.42 23.75 -0.39
CA VAL B 17 21.43 23.51 -1.83
C VAL B 17 22.63 24.19 -2.44
N CYS B 18 22.92 23.78 -3.68
CA CYS B 18 23.98 24.41 -4.47
C CYS B 18 23.34 25.22 -5.60
N VAL B 19 23.69 26.50 -5.66
CA VAL B 19 22.95 27.45 -6.49
C VAL B 19 23.66 27.56 -7.83
N CYS B 20 22.91 27.43 -8.92
CA CYS B 20 23.46 27.58 -10.27
C CYS B 20 22.63 28.61 -11.06
N ASN B 21 23.24 29.25 -12.04
CA ASN B 21 22.53 30.24 -12.86
C ASN B 21 23.06 30.19 -14.29
N ALA B 22 22.90 31.25 -15.07
CA ALA B 22 23.32 31.21 -16.49
C ALA B 22 24.83 31.10 -16.69
N THR B 23 25.60 31.53 -15.70
CA THR B 23 27.04 31.71 -15.88
C THR B 23 27.87 30.88 -14.92
N TYR B 24 27.21 30.26 -13.93
CA TYR B 24 27.94 29.52 -12.92
C TYR B 24 27.19 28.26 -12.54
N CYS B 25 27.91 27.13 -12.51
CA CYS B 25 27.39 25.95 -11.80
C CYS B 25 28.55 25.14 -11.28
N ASP B 26 28.39 24.49 -10.13
CA ASP B 26 29.48 23.70 -9.57
C ASP B 26 29.81 22.53 -10.49
N SER B 27 31.08 22.16 -10.53
CA SER B 27 31.54 21.09 -11.39
C SER B 27 32.77 20.38 -10.84
N PHE B 28 33.14 19.28 -11.49
CA PHE B 28 34.41 18.63 -11.26
C PHE B 28 35.46 19.14 -12.23
N ALA B 35 46.61 8.24 -8.51
CA ALA B 35 47.92 7.60 -8.61
C ALA B 35 47.88 6.14 -8.10
N LEU B 36 49.03 5.48 -8.05
CA LEU B 36 49.09 4.06 -7.64
C LEU B 36 49.59 3.88 -6.20
N GLY B 37 49.09 2.82 -5.55
CA GLY B 37 49.17 2.67 -4.12
C GLY B 37 48.32 3.66 -3.31
N THR B 38 47.47 4.43 -3.99
CA THR B 38 46.57 5.36 -3.31
C THR B 38 45.12 5.09 -3.68
N PHE B 39 44.21 5.60 -2.85
CA PHE B 39 42.82 5.59 -3.18
C PHE B 39 42.29 7.01 -3.28
N SER B 40 41.22 7.17 -4.06
CA SER B 40 40.43 8.39 -4.10
C SER B 40 39.18 8.26 -3.21
N ARG B 41 38.80 9.38 -2.59
CA ARG B 41 37.62 9.44 -1.72
C ARG B 41 36.81 10.65 -2.16
N TYR B 42 35.53 10.45 -2.47
CA TYR B 42 34.62 11.59 -2.70
C TYR B 42 33.66 11.67 -1.52
N GLU B 43 33.49 12.84 -0.91
CA GLU B 43 32.77 12.95 0.36
C GLU B 43 31.71 14.01 0.21
N SER B 44 30.48 13.67 0.63
CA SER B 44 29.46 14.70 0.82
C SER B 44 28.90 14.63 2.24
N THR B 45 28.65 15.80 2.83
CA THR B 45 28.21 15.84 4.24
C THR B 45 27.06 16.79 4.44
N ARG B 46 26.31 16.56 5.51
CA ARG B 46 25.22 17.46 5.89
C ARG B 46 25.71 18.87 6.14
N SER B 47 26.92 18.95 6.71
CA SER B 47 27.57 20.22 7.04
C SER B 47 27.92 21.02 5.77
N GLY B 48 27.84 20.40 4.60
CA GLY B 48 27.95 21.11 3.34
C GLY B 48 28.98 20.70 2.32
N ARG B 49 29.76 19.66 2.59
CA ARG B 49 30.75 19.15 1.62
C ARG B 49 30.02 18.49 0.46
N ARG B 50 30.46 18.72 -0.78
CA ARG B 50 29.72 18.21 -1.95
C ARG B 50 30.67 17.50 -2.88
N MET B 51 30.69 16.16 -2.77
CA MET B 51 31.53 15.32 -3.62
C MET B 51 32.98 15.83 -3.63
N GLU B 52 33.48 16.18 -2.45
CA GLU B 52 34.86 16.65 -2.30
C GLU B 52 35.86 15.52 -2.47
N LEU B 53 36.92 15.79 -3.21
CA LEU B 53 37.91 14.75 -3.52
C LEU B 53 39.08 14.86 -2.55
N SER B 54 39.46 13.71 -2.01
CA SER B 54 40.73 13.59 -1.29
C SER B 54 41.36 12.24 -1.64
N MET B 55 42.54 12.01 -1.11
CA MET B 55 43.28 10.81 -1.39
C MET B 55 43.99 10.34 -0.15
N GLY B 56 44.26 9.04 -0.13
CA GLY B 56 44.95 8.41 0.98
C GLY B 56 45.77 7.23 0.50
N PRO B 57 46.63 6.67 1.37
CA PRO B 57 47.46 5.52 1.05
C PRO B 57 46.75 4.19 1.27
N ILE B 58 47.09 3.23 0.43
CA ILE B 58 46.74 1.85 0.70
C ILE B 58 47.89 1.19 1.47
N GLN B 59 47.59 0.55 2.60
CA GLN B 59 48.60 -0.17 3.38
C GLN B 59 48.60 -1.67 3.10
N ALA B 60 49.78 -2.28 3.25
CA ALA B 60 49.92 -3.74 3.24
C ALA B 60 49.25 -4.42 4.43
N ASN B 61 49.34 -3.81 5.61
CA ASN B 61 48.96 -4.46 6.86
C ASN B 61 47.91 -3.66 7.63
N HIS B 62 47.18 -4.32 8.53
CA HIS B 62 46.21 -3.67 9.39
C HIS B 62 46.15 -4.43 10.70
N THR B 63 46.22 -3.70 11.83
CA THR B 63 45.91 -4.28 13.15
C THR B 63 44.86 -3.45 13.88
N GLY B 64 43.99 -4.12 14.62
CA GLY B 64 43.05 -3.45 15.49
C GLY B 64 41.71 -4.15 15.53
N THR B 65 40.85 -3.71 16.45
CA THR B 65 39.55 -4.32 16.68
C THR B 65 38.40 -3.57 16.02
N GLY B 66 38.71 -2.51 15.26
CA GLY B 66 37.66 -1.66 14.70
C GLY B 66 36.88 -2.37 13.59
N LEU B 67 35.86 -1.69 13.07
CA LEU B 67 35.07 -2.23 11.96
C LEU B 67 35.96 -2.45 10.72
N LEU B 68 35.81 -3.62 10.11
CA LEU B 68 36.53 -3.92 8.89
C LEU B 68 35.49 -4.40 7.90
N LEU B 69 35.57 -3.87 6.68
CA LEU B 69 34.69 -4.28 5.59
C LEU B 69 35.60 -4.93 4.58
N THR B 70 35.38 -6.21 4.31
CA THR B 70 36.27 -6.94 3.43
C THR B 70 35.62 -7.24 2.10
N LEU B 71 36.27 -6.82 1.02
CA LEU B 71 35.81 -7.16 -0.33
C LEU B 71 36.01 -8.63 -0.61
N GLN B 72 35.07 -9.22 -1.34
CA GLN B 72 35.24 -10.56 -1.89
C GLN B 72 35.12 -10.48 -3.42
N PRO B 73 36.21 -10.08 -4.10
CA PRO B 73 36.12 -9.71 -5.52
C PRO B 73 35.76 -10.87 -6.42
N GLU B 74 35.93 -12.09 -5.94
CA GLU B 74 35.63 -13.25 -6.78
CA GLU B 74 35.64 -13.27 -6.76
C GLU B 74 34.16 -13.67 -6.67
N GLN B 75 33.47 -13.15 -5.65
CA GLN B 75 32.02 -13.31 -5.53
C GLN B 75 31.34 -12.29 -6.42
N LYS B 76 30.70 -12.77 -7.50
CA LYS B 76 30.19 -11.86 -8.53
C LYS B 76 28.67 -11.89 -8.55
N PHE B 77 28.05 -10.72 -8.54
CA PHE B 77 26.59 -10.62 -8.58
C PHE B 77 26.16 -9.90 -9.86
N GLN B 78 25.26 -8.92 -9.80
CA GLN B 78 24.63 -8.43 -11.04
C GLN B 78 25.53 -7.39 -11.72
N LYS B 79 25.38 -7.26 -13.05
CA LYS B 79 25.98 -6.17 -13.78
C LYS B 79 25.02 -4.97 -13.86
N VAL B 80 25.58 -3.79 -13.75
CA VAL B 80 24.79 -2.58 -13.63
C VAL B 80 24.39 -2.08 -15.01
N LYS B 81 23.13 -1.71 -15.16
CA LYS B 81 22.64 -1.06 -16.38
C LYS B 81 22.92 0.43 -16.32
N GLY B 82 22.49 1.05 -15.23
CA GLY B 82 22.82 2.47 -15.04
C GLY B 82 21.79 3.21 -14.18
N PHE B 83 21.89 4.53 -14.23
CA PHE B 83 21.12 5.46 -13.35
C PHE B 83 20.66 6.64 -14.16
N GLY B 84 19.57 7.27 -13.73
CA GLY B 84 19.04 8.45 -14.44
C GLY B 84 17.75 8.98 -13.86
N GLY B 85 16.95 9.62 -14.69
CA GLY B 85 15.72 10.23 -14.22
C GLY B 85 14.76 10.41 -15.37
N ALA B 86 13.62 11.04 -15.10
CA ALA B 86 12.51 11.06 -16.04
C ALA B 86 12.31 12.42 -16.69
N MET B 87 12.17 12.40 -18.02
CA MET B 87 11.84 13.61 -18.77
C MET B 87 10.31 13.73 -18.93
N THR B 88 9.64 14.04 -17.83
CA THR B 88 8.19 14.30 -17.86
C THR B 88 7.91 15.66 -18.52
N ASP B 89 6.64 15.93 -18.86
CA ASP B 89 6.26 17.29 -19.32
C ASP B 89 6.72 18.33 -18.31
N ALA B 90 6.47 18.10 -17.02
CA ALA B 90 6.85 19.05 -15.98
C ALA B 90 8.35 19.34 -15.96
N ALA B 91 9.16 18.30 -16.09
CA ALA B 91 10.63 18.47 -16.04
C ALA B 91 11.08 19.29 -17.24
N ALA B 92 10.52 18.98 -18.40
CA ALA B 92 10.85 19.73 -19.65
C ALA B 92 10.46 21.22 -19.53
N LEU B 93 9.23 21.48 -19.06
CA LEU B 93 8.75 22.86 -18.92
C LEU B 93 9.63 23.63 -17.97
N ASN B 94 10.04 22.99 -16.89
CA ASN B 94 10.94 23.60 -15.91
C ASN B 94 12.33 23.91 -16.45
N ILE B 95 12.96 22.92 -17.07
CA ILE B 95 14.26 23.14 -17.71
C ILE B 95 14.16 24.25 -18.75
N LEU B 96 13.14 24.19 -19.61
CA LEU B 96 12.98 25.20 -20.67
C LEU B 96 12.60 26.60 -20.17
N ALA B 97 12.31 26.76 -18.89
CA ALA B 97 11.99 28.07 -18.29
C ALA B 97 13.27 28.89 -18.02
N LEU B 98 14.41 28.20 -17.96
CA LEU B 98 15.70 28.80 -17.70
C LEU B 98 16.20 29.43 -19.00
N SER B 99 17.16 30.35 -18.92
CA SER B 99 17.78 30.88 -20.14
C SER B 99 18.61 29.75 -20.75
N PRO B 100 18.84 29.79 -22.07
CA PRO B 100 19.61 28.71 -22.71
C PRO B 100 20.95 28.35 -22.04
N PRO B 101 21.77 29.33 -21.65
CA PRO B 101 23.02 28.94 -20.95
C PRO B 101 22.80 28.18 -19.62
N ALA B 102 21.76 28.55 -18.89
CA ALA B 102 21.43 27.87 -17.65
C ALA B 102 20.87 26.48 -17.92
N GLN B 103 20.02 26.35 -18.96
CA GLN B 103 19.57 25.05 -19.42
C GLN B 103 20.75 24.09 -19.64
N ASN B 104 21.80 24.61 -20.30
CA ASN B 104 22.92 23.77 -20.68
C ASN B 104 23.73 23.37 -19.44
N LEU B 105 23.79 24.24 -18.45
CA LEU B 105 24.45 23.89 -17.20
C LEU B 105 23.68 22.83 -16.42
N LEU B 106 22.35 22.96 -16.36
CA LEU B 106 21.51 21.87 -15.80
C LEU B 106 21.69 20.52 -16.51
N LEU B 107 21.55 20.50 -17.83
CA LEU B 107 21.76 19.27 -18.59
C LEU B 107 23.16 18.71 -18.38
N LYS B 108 24.16 19.59 -18.32
CA LYS B 108 25.53 19.10 -18.10
C LYS B 108 25.73 18.56 -16.70
N SER B 109 25.10 19.19 -15.72
CA SER B 109 25.04 18.66 -14.35
C SER B 109 24.65 17.20 -14.30
N TYR B 110 23.61 16.84 -15.02
CA TYR B 110 23.17 15.45 -15.04
C TYR B 110 23.98 14.50 -15.95
N PHE B 111 24.26 14.93 -17.19
CA PHE B 111 24.62 13.99 -18.27
C PHE B 111 26.09 14.00 -18.68
N SER B 112 26.76 15.11 -18.37
CA SER B 112 28.09 15.35 -18.86
C SER B 112 29.14 14.75 -17.92
N GLU B 113 30.37 14.65 -18.41
CA GLU B 113 31.55 14.30 -17.60
C GLU B 113 31.83 15.28 -16.46
N GLU B 114 31.50 16.54 -16.68
CA GLU B 114 31.66 17.56 -15.67
C GLU B 114 30.52 17.51 -14.67
N GLY B 115 29.49 16.70 -14.96
CA GLY B 115 28.45 16.41 -14.01
C GLY B 115 28.48 14.99 -13.50
N ILE B 116 27.30 14.38 -13.33
CA ILE B 116 27.26 13.07 -12.64
C ILE B 116 26.98 11.87 -13.54
N GLY B 117 27.03 12.07 -14.86
CA GLY B 117 27.11 10.94 -15.76
C GLY B 117 25.88 10.02 -15.82
N TYR B 118 24.68 10.60 -15.73
CA TYR B 118 23.46 9.83 -15.99
C TYR B 118 23.50 9.13 -17.31
N ASN B 119 22.94 7.92 -17.38
CA ASN B 119 22.86 7.24 -18.66
C ASN B 119 21.51 6.60 -18.92
N ILE B 120 20.50 7.01 -18.14
CA ILE B 120 19.14 6.55 -18.37
C ILE B 120 18.20 7.76 -18.37
N ILE B 121 17.27 7.78 -19.32
CA ILE B 121 16.15 8.75 -19.29
C ILE B 121 14.83 8.01 -19.46
N ARG B 122 13.92 8.19 -18.51
CA ARG B 122 12.59 7.61 -18.65
C ARG B 122 11.66 8.61 -19.29
N VAL B 123 10.86 8.14 -20.23
CA VAL B 123 10.06 9.01 -21.08
C VAL B 123 8.62 8.51 -20.96
N PRO B 124 7.71 9.30 -20.37
CA PRO B 124 6.33 8.83 -20.39
C PRO B 124 5.80 8.79 -21.83
N MET B 125 4.98 7.79 -22.12
CA MET B 125 4.22 7.74 -23.37
C MET B 125 2.90 8.50 -23.18
N ALA B 126 2.94 9.76 -23.63
CA ALA B 126 1.88 10.77 -23.47
C ALA B 126 1.75 11.20 -21.99
N SER B 127 0.56 11.61 -21.56
CA SER B 127 0.42 12.44 -20.35
C SER B 127 0.49 11.59 -19.07
N CYS B 128 1.05 12.18 -18.02
CA CYS B 128 0.89 11.64 -16.67
C CYS B 128 0.42 12.77 -15.73
N ASP B 129 0.53 12.59 -14.41
CA ASP B 129 0.08 13.70 -13.54
C ASP B 129 1.05 14.87 -13.63
N PHE B 130 2.32 14.60 -13.96
CA PHE B 130 3.25 15.70 -14.22
C PHE B 130 3.19 16.19 -15.66
N SER B 131 1.97 16.56 -16.02
CA SER B 131 1.64 17.19 -17.28
C SER B 131 0.65 18.28 -16.86
N ILE B 132 0.51 19.31 -17.68
CA ILE B 132 -0.46 20.38 -17.41
C ILE B 132 -1.78 20.19 -18.16
N ARG B 133 -1.84 19.20 -19.04
CA ARG B 133 -3.13 18.74 -19.57
C ARG B 133 -3.13 17.24 -19.83
N THR B 134 -4.32 16.68 -19.97
CA THR B 134 -4.48 15.25 -20.20
C THR B 134 -4.64 15.05 -21.70
N TYR B 135 -3.92 14.08 -22.25
CA TYR B 135 -3.94 13.77 -23.68
C TYR B 135 -3.31 12.38 -23.80
N THR B 136 -3.65 11.64 -24.85
CA THR B 136 -2.85 10.50 -25.30
C THR B 136 -2.42 10.79 -26.73
N TYR B 137 -1.76 9.84 -27.38
CA TYR B 137 -1.32 10.04 -28.77
C TYR B 137 -2.44 9.71 -29.79
N ALA B 138 -3.56 9.18 -29.33
CA ALA B 138 -4.62 8.74 -30.26
C ALA B 138 -6.00 9.05 -29.68
N ASP B 139 -6.29 10.33 -29.50
CA ASP B 139 -7.51 10.70 -28.81
C ASP B 139 -8.74 10.77 -29.73
N THR B 140 -8.56 10.63 -31.03
CA THR B 140 -9.71 10.55 -31.96
C THR B 140 -10.51 9.29 -31.66
N PRO B 141 -11.81 9.44 -31.29
CA PRO B 141 -12.53 8.25 -30.81
C PRO B 141 -12.61 7.13 -31.85
N ASP B 142 -12.48 5.90 -31.35
CA ASP B 142 -12.61 4.64 -32.10
C ASP B 142 -11.69 4.50 -33.31
N ASP B 143 -10.51 5.12 -33.21
CA ASP B 143 -9.52 5.06 -34.26
C ASP B 143 -8.70 3.76 -34.15
N PHE B 144 -9.34 2.61 -34.36
CA PHE B 144 -8.69 1.32 -34.17
C PHE B 144 -7.53 1.15 -35.14
N GLN B 145 -7.59 1.85 -36.27
CA GLN B 145 -6.49 1.86 -37.27
C GLN B 145 -5.29 2.67 -36.81
N LEU B 146 -5.51 3.53 -35.81
CA LEU B 146 -4.50 4.50 -35.37
C LEU B 146 -3.99 5.37 -36.52
N HIS B 147 -4.91 5.78 -37.41
CA HIS B 147 -4.58 6.73 -38.50
C HIS B 147 -4.34 8.12 -37.97
N ASN B 148 -4.89 8.42 -36.80
CA ASN B 148 -4.67 9.74 -36.22
C ASN B 148 -3.77 9.72 -34.97
N PHE B 149 -2.93 8.68 -34.88
CA PHE B 149 -1.82 8.69 -33.95
C PHE B 149 -0.91 9.86 -34.30
N SER B 150 -0.64 10.74 -33.33
CA SER B 150 0.38 11.78 -33.53
C SER B 150 1.00 12.23 -32.22
N LEU B 151 2.27 12.63 -32.26
CA LEU B 151 2.93 13.26 -31.12
C LEU B 151 2.56 14.72 -31.09
N PRO B 152 2.05 15.22 -29.96
CA PRO B 152 1.72 16.63 -29.84
C PRO B 152 2.99 17.44 -29.54
N GLU B 153 2.86 18.76 -29.31
CA GLU B 153 4.02 19.61 -29.06
C GLU B 153 4.82 19.28 -27.77
N GLU B 154 4.16 18.68 -26.77
CA GLU B 154 4.84 18.24 -25.55
C GLU B 154 6.01 17.32 -25.93
N ASP B 155 5.80 16.42 -26.89
CA ASP B 155 6.89 15.59 -27.41
C ASP B 155 7.78 16.36 -28.41
N THR B 156 7.18 16.95 -29.44
CA THR B 156 8.01 17.46 -30.55
C THR B 156 8.73 18.77 -30.24
N LYS B 157 8.15 19.59 -29.39
CA LYS B 157 8.80 20.86 -29.02
C LYS B 157 9.52 20.81 -27.65
N LEU B 158 9.02 20.00 -26.71
CA LEU B 158 9.59 19.99 -25.35
C LEU B 158 10.52 18.81 -25.10
N LYS B 159 9.95 17.60 -25.07
CA LYS B 159 10.71 16.42 -24.59
C LYS B 159 11.81 15.99 -25.59
N ILE B 160 11.45 15.88 -26.87
CA ILE B 160 12.39 15.32 -27.86
C ILE B 160 13.64 16.19 -28.03
N PRO B 161 13.43 17.51 -28.21
CA PRO B 161 14.61 18.37 -28.28
C PRO B 161 15.52 18.34 -27.05
N LEU B 162 14.95 18.27 -25.84
CA LEU B 162 15.77 18.18 -24.62
C LEU B 162 16.53 16.86 -24.51
N ILE B 163 15.89 15.79 -24.95
CA ILE B 163 16.54 14.48 -24.93
C ILE B 163 17.75 14.48 -25.87
N HIS B 164 17.59 15.07 -27.05
CA HIS B 164 18.66 15.16 -28.04
C HIS B 164 19.81 15.95 -27.42
N ARG B 165 19.49 17.06 -26.76
CA ARG B 165 20.52 17.88 -26.12
C ARG B 165 21.26 17.14 -25.01
N ALA B 166 20.51 16.35 -24.24
CA ALA B 166 21.07 15.51 -23.18
C ALA B 166 22.05 14.50 -23.80
N LEU B 167 21.63 13.83 -24.87
CA LEU B 167 22.51 12.87 -25.57
C LEU B 167 23.74 13.53 -26.19
N GLN B 168 23.59 14.75 -26.72
CA GLN B 168 24.72 15.54 -27.28
C GLN B 168 25.79 15.87 -26.22
N LEU B 169 25.36 15.98 -24.97
CA LEU B 169 26.23 16.39 -23.87
C LEU B 169 26.81 15.19 -23.12
N ALA B 170 26.31 13.99 -23.41
CA ALA B 170 26.50 12.87 -22.49
C ALA B 170 27.89 12.31 -22.62
N GLN B 171 28.51 12.08 -21.46
CA GLN B 171 29.70 11.27 -21.28
C GLN B 171 29.58 9.86 -21.87
N ARG B 172 28.43 9.25 -21.65
CA ARG B 172 28.26 7.80 -21.82
C ARG B 172 27.08 7.52 -22.77
N PRO B 173 26.99 6.32 -23.36
CA PRO B 173 25.77 6.00 -24.13
C PRO B 173 24.55 6.05 -23.22
N VAL B 174 23.50 6.75 -23.64
CA VAL B 174 22.30 6.93 -22.81
C VAL B 174 21.22 5.98 -23.28
N SER B 175 20.60 5.25 -22.35
CA SER B 175 19.47 4.37 -22.69
C SER B 175 18.13 5.04 -22.38
N LEU B 176 17.21 5.04 -23.35
CA LEU B 176 15.87 5.56 -23.14
C LEU B 176 14.92 4.44 -22.73
N LEU B 177 14.07 4.74 -21.75
CA LEU B 177 13.06 3.81 -21.26
C LEU B 177 11.68 4.49 -21.38
N ALA B 178 10.72 3.84 -22.04
CA ALA B 178 9.35 4.39 -22.20
C ALA B 178 8.39 3.65 -21.31
N SER B 179 7.39 4.36 -20.76
CA SER B 179 6.30 3.79 -19.96
C SER B 179 5.00 4.55 -20.25
N PRO B 180 3.89 3.84 -20.53
CA PRO B 180 2.59 4.50 -20.66
C PRO B 180 1.85 4.60 -19.29
N TRP B 181 1.10 5.68 -19.07
CA TRP B 181 0.17 5.76 -17.91
C TRP B 181 -1.23 5.33 -18.31
N THR B 182 -1.78 5.96 -19.34
CA THR B 182 -3.12 5.56 -19.83
C THR B 182 -3.12 5.28 -21.32
N SER B 183 -4.02 4.40 -21.77
CA SER B 183 -4.45 4.33 -23.17
C SER B 183 -5.46 5.44 -23.51
N PRO B 184 -5.71 5.67 -24.82
CA PRO B 184 -6.95 6.37 -25.21
C PRO B 184 -8.16 5.86 -24.45
N THR B 185 -9.04 6.77 -24.07
CA THR B 185 -10.16 6.44 -23.20
C THR B 185 -11.14 5.50 -23.90
N TRP B 186 -11.15 5.52 -25.24
CA TRP B 186 -12.10 4.70 -26.01
C TRP B 186 -11.65 3.26 -26.07
N LEU B 187 -10.48 2.97 -25.51
CA LEU B 187 -10.04 1.59 -25.32
C LEU B 187 -10.35 1.03 -23.92
N LYS B 188 -10.97 1.84 -23.06
CA LYS B 188 -11.04 1.55 -21.64
C LYS B 188 -12.47 1.31 -21.17
N THR B 189 -12.61 0.39 -20.22
CA THR B 189 -13.92 0.02 -19.66
C THR B 189 -14.64 1.22 -19.05
N ASN B 190 -13.89 2.18 -18.49
CA ASN B 190 -14.50 3.29 -17.76
C ASN B 190 -14.56 4.57 -18.60
N GLY B 191 -14.00 4.55 -19.80
CA GLY B 191 -13.90 5.75 -20.64
C GLY B 191 -13.32 7.00 -20.04
N ALA B 192 -12.30 6.86 -19.18
CA ALA B 192 -11.67 8.04 -18.58
C ALA B 192 -10.15 7.79 -18.47
N VAL B 193 -9.36 8.85 -18.37
CA VAL B 193 -7.88 8.72 -18.31
C VAL B 193 -7.40 8.14 -16.98
N ASN B 194 -8.23 8.28 -15.94
CA ASN B 194 -7.90 7.84 -14.58
C ASN B 194 -9.04 7.00 -14.02
N GLY B 195 -9.05 6.74 -12.72
CA GLY B 195 -10.09 5.90 -12.10
C GLY B 195 -9.91 4.42 -12.34
N LYS B 196 -10.84 3.63 -11.82
CA LYS B 196 -10.76 2.18 -11.94
C LYS B 196 -11.21 1.83 -13.35
N GLY B 197 -10.32 1.21 -14.12
CA GLY B 197 -10.61 0.94 -15.52
C GLY B 197 -9.46 0.19 -16.14
N SER B 198 -9.80 -0.77 -17.00
CA SER B 198 -8.81 -1.53 -17.76
C SER B 198 -9.16 -1.46 -19.24
N LEU B 199 -8.33 -2.07 -20.08
CA LEU B 199 -8.69 -2.22 -21.48
C LEU B 199 -10.02 -2.99 -21.57
N LYS B 200 -10.92 -2.56 -22.46
CA LYS B 200 -12.06 -3.40 -22.78
C LYS B 200 -11.65 -4.80 -23.29
N GLY B 201 -12.57 -5.75 -23.11
CA GLY B 201 -12.46 -7.07 -23.72
C GLY B 201 -11.41 -7.90 -23.04
N GLN B 202 -10.63 -8.63 -23.83
CA GLN B 202 -9.65 -9.57 -23.28
C GLN B 202 -8.44 -9.66 -24.18
N PRO B 203 -7.27 -10.02 -23.61
CA PRO B 203 -6.08 -10.17 -24.45
C PRO B 203 -6.31 -11.07 -25.68
N GLY B 204 -5.68 -10.70 -26.78
CA GLY B 204 -5.87 -11.41 -28.03
C GLY B 204 -6.90 -10.77 -28.95
N ASP B 205 -7.71 -9.84 -28.41
CA ASP B 205 -8.81 -9.18 -29.15
C ASP B 205 -8.49 -7.78 -29.73
N ILE B 206 -9.45 -7.13 -30.39
CA ILE B 206 -9.16 -5.92 -31.15
C ILE B 206 -8.64 -4.79 -30.25
N TYR B 207 -9.19 -4.68 -29.03
CA TYR B 207 -8.78 -3.62 -28.08
C TYR B 207 -7.32 -3.76 -27.69
N HIS B 208 -6.91 -5.00 -27.40
CA HIS B 208 -5.54 -5.29 -26.98
C HIS B 208 -4.56 -5.27 -28.17
N GLN B 209 -5.03 -5.71 -29.33
CA GLN B 209 -4.25 -5.60 -30.58
C GLN B 209 -3.95 -4.11 -30.88
N THR B 210 -4.96 -3.26 -30.74
CA THR B 210 -4.78 -1.82 -30.96
C THR B 210 -3.81 -1.19 -29.95
N TRP B 211 -4.00 -1.51 -28.68
CA TRP B 211 -3.06 -1.04 -27.65
C TRP B 211 -1.60 -1.46 -27.92
N ALA B 212 -1.37 -2.73 -28.28
CA ALA B 212 0.00 -3.20 -28.61
C ALA B 212 0.58 -2.40 -29.79
N ARG B 213 -0.26 -2.16 -30.81
CA ARG B 213 0.16 -1.43 -32.02
C ARG B 213 0.55 0.01 -31.68
N TYR B 214 -0.15 0.60 -30.71
CA TYR B 214 0.12 1.94 -30.24
C TYR B 214 1.55 2.07 -29.71
N PHE B 215 2.06 1.00 -29.08
CA PHE B 215 3.47 0.97 -28.62
C PHE B 215 4.39 1.06 -29.84
N VAL B 216 4.10 0.26 -30.87
CA VAL B 216 4.95 0.29 -32.09
C VAL B 216 4.84 1.66 -32.74
N LYS B 217 3.65 2.26 -32.73
CA LYS B 217 3.45 3.56 -33.38
C LYS B 217 4.24 4.64 -32.65
N PHE B 218 4.26 4.57 -31.32
CA PHE B 218 5.11 5.44 -30.49
C PHE B 218 6.59 5.34 -30.82
N LEU B 219 7.10 4.09 -30.89
CA LEU B 219 8.51 3.86 -31.21
C LEU B 219 8.84 4.30 -32.64
N ASP B 220 7.94 4.04 -33.58
CA ASP B 220 8.02 4.62 -34.95
C ASP B 220 8.17 6.15 -34.96
N ALA B 221 7.31 6.84 -34.21
CA ALA B 221 7.30 8.30 -34.18
C ALA B 221 8.57 8.87 -33.58
N TYR B 222 9.02 8.30 -32.45
CA TYR B 222 10.31 8.70 -31.88
C TYR B 222 11.51 8.36 -32.80
N ALA B 223 11.47 7.21 -33.44
CA ALA B 223 12.47 6.88 -34.47
C ALA B 223 12.49 7.90 -35.65
N GLU B 224 11.32 8.40 -36.07
CA GLU B 224 11.26 9.47 -37.09
C GLU B 224 11.99 10.71 -36.64
N HIS B 225 12.02 10.91 -35.31
CA HIS B 225 12.74 12.03 -34.70
C HIS B 225 14.16 11.64 -34.25
N LYS B 226 14.62 10.49 -34.73
CA LYS B 226 16.00 10.02 -34.55
C LYS B 226 16.32 9.62 -33.11
N LEU B 227 15.33 9.14 -32.38
CA LEU B 227 15.55 8.57 -31.06
C LEU B 227 15.09 7.11 -31.00
N GLN B 228 15.93 6.30 -30.34
CA GLN B 228 15.78 4.87 -30.22
C GLN B 228 15.71 4.53 -28.75
N PHE B 229 14.85 3.59 -28.40
CA PHE B 229 14.69 3.13 -27.01
C PHE B 229 15.43 1.84 -26.69
N TRP B 230 15.99 1.82 -25.49
CA TRP B 230 16.54 0.63 -24.90
C TRP B 230 15.45 -0.38 -24.46
N ALA B 231 14.42 0.12 -23.77
CA ALA B 231 13.37 -0.71 -23.16
C ALA B 231 12.04 0.06 -23.13
N VAL B 232 10.94 -0.68 -23.02
CA VAL B 232 9.64 -0.14 -22.64
C VAL B 232 9.08 -0.96 -21.46
N THR B 233 8.23 -0.34 -20.63
CA THR B 233 7.51 -1.13 -19.63
C THR B 233 6.12 -1.44 -20.16
N ALA B 234 5.56 -2.52 -19.69
CA ALA B 234 4.24 -2.99 -20.11
C ALA B 234 3.09 -2.07 -19.67
N GLU B 235 3.31 -1.22 -18.65
CA GLU B 235 2.31 -0.26 -18.12
C GLU B 235 2.94 0.37 -16.89
N ASN B 236 2.81 1.69 -16.69
CA ASN B 236 3.22 2.24 -15.40
C ASN B 236 2.23 1.84 -14.31
N GLU B 237 2.71 1.32 -13.18
CA GLU B 237 1.85 0.99 -12.02
C GLU B 237 0.49 0.41 -12.43
N PRO B 238 0.51 -0.78 -13.06
CA PRO B 238 -0.73 -1.44 -13.51
C PRO B 238 -1.72 -1.65 -12.37
N SER B 239 -1.23 -1.83 -11.14
CA SER B 239 -2.16 -2.04 -10.01
C SER B 239 -3.08 -0.84 -9.74
N ALA B 240 -2.63 0.36 -10.13
CA ALA B 240 -3.30 1.61 -9.84
C ALA B 240 -4.71 1.67 -10.44
N GLY B 241 -4.84 1.19 -11.67
CA GLY B 241 -6.15 1.21 -12.32
C GLY B 241 -7.10 0.13 -11.83
N LEU B 242 -6.70 -0.60 -10.79
CA LEU B 242 -7.61 -1.51 -10.08
C LEU B 242 -8.30 -0.85 -8.90
N LEU B 243 -7.97 0.42 -8.66
CA LEU B 243 -8.40 1.10 -7.43
C LEU B 243 -9.45 2.18 -7.72
N SER B 244 -10.59 2.07 -7.03
CA SER B 244 -11.69 3.02 -7.21
C SER B 244 -11.24 4.46 -7.03
N GLY B 245 -11.55 5.31 -8.01
CA GLY B 245 -11.26 6.73 -7.89
C GLY B 245 -9.82 7.12 -8.14
N TYR B 246 -8.95 6.17 -8.52
CA TYR B 246 -7.50 6.49 -8.63
C TYR B 246 -7.30 7.79 -9.41
N PRO B 247 -6.62 8.78 -8.81
CA PRO B 247 -6.72 10.14 -9.34
C PRO B 247 -5.90 10.50 -10.58
N PHE B 248 -4.85 9.73 -10.88
CA PHE B 248 -3.88 10.05 -11.94
C PHE B 248 -4.12 9.13 -13.10
N GLN B 249 -3.55 9.45 -14.27
CA GLN B 249 -3.76 8.60 -15.46
C GLN B 249 -3.29 7.17 -15.14
N CYS B 250 -4.05 6.18 -15.54
CA CYS B 250 -3.73 4.80 -15.17
C CYS B 250 -4.44 3.85 -16.12
N LEU B 251 -4.08 2.57 -16.05
CA LEU B 251 -4.73 1.54 -16.84
C LEU B 251 -4.55 0.24 -16.09
N GLY B 252 -5.63 -0.36 -15.62
CA GLY B 252 -5.50 -1.45 -14.65
C GLY B 252 -5.21 -2.81 -15.28
N PHE B 253 -4.22 -3.52 -14.76
CA PHE B 253 -4.04 -4.93 -15.08
C PHE B 253 -3.84 -5.71 -13.79
N THR B 254 -4.53 -6.84 -13.65
CA THR B 254 -4.08 -7.88 -12.73
C THR B 254 -2.83 -8.56 -13.31
N PRO B 255 -2.07 -9.34 -12.49
CA PRO B 255 -0.89 -10.00 -13.08
C PRO B 255 -1.25 -10.99 -14.21
N GLU B 256 -2.44 -11.58 -14.12
CA GLU B 256 -2.93 -12.51 -15.17
C GLU B 256 -3.22 -11.77 -16.48
N HIS B 257 -3.82 -10.59 -16.34
CA HIS B 257 -4.11 -9.74 -17.47
C HIS B 257 -2.81 -9.26 -18.16
N GLN B 258 -1.83 -8.82 -17.36
CA GLN B 258 -0.53 -8.48 -17.91
C GLN B 258 0.13 -9.70 -18.57
N ARG B 259 0.08 -10.85 -17.90
CA ARG B 259 0.65 -12.09 -18.47
C ARG B 259 0.11 -12.29 -19.91
N ASP B 260 -1.22 -12.32 -20.05
CA ASP B 260 -1.91 -12.66 -21.32
C ASP B 260 -1.74 -11.57 -22.38
N PHE B 261 -1.80 -10.31 -21.96
CA PHE B 261 -1.48 -9.18 -22.85
C PHE B 261 -0.07 -9.33 -23.45
N ILE B 262 0.91 -9.60 -22.59
CA ILE B 262 2.27 -9.76 -23.05
C ILE B 262 2.38 -10.94 -24.03
N ALA B 263 1.82 -12.10 -23.65
CA ALA B 263 1.94 -13.32 -24.47
C ALA B 263 1.23 -13.19 -25.80
N ARG B 264 0.01 -12.66 -25.77
CA ARG B 264 -0.87 -12.65 -26.96
C ARG B 264 -0.67 -11.44 -27.87
N ASP B 265 -0.39 -10.26 -27.29
CA ASP B 265 -0.46 -8.99 -28.01
C ASP B 265 0.87 -8.22 -28.05
N LEU B 266 1.35 -7.80 -26.89
CA LEU B 266 2.49 -6.87 -26.82
C LEU B 266 3.79 -7.51 -27.29
N GLY B 267 4.11 -8.68 -26.72
CA GLY B 267 5.30 -9.42 -27.12
C GLY B 267 5.36 -9.74 -28.61
N PRO B 268 4.34 -10.42 -29.14
CA PRO B 268 4.29 -10.68 -30.59
C PRO B 268 4.36 -9.45 -31.47
N THR B 269 3.65 -8.39 -31.08
CA THR B 269 3.61 -7.18 -31.90
C THR B 269 4.98 -6.50 -31.96
N LEU B 270 5.64 -6.42 -30.81
CA LEU B 270 6.96 -5.83 -30.78
C LEU B 270 7.95 -6.71 -31.55
N ALA B 271 7.84 -8.02 -31.37
CA ALA B 271 8.76 -8.99 -31.99
C ALA B 271 8.69 -8.94 -33.52
N ASN B 272 7.50 -8.68 -34.05
CA ASN B 272 7.24 -8.62 -35.50
C ASN B 272 7.48 -7.22 -36.11
N SER B 273 8.19 -6.36 -35.40
CA SER B 273 8.41 -5.00 -35.86
C SER B 273 9.91 -4.71 -35.94
N THR B 274 10.23 -3.53 -36.48
CA THR B 274 11.60 -3.01 -36.57
C THR B 274 12.21 -2.73 -35.19
N HIS B 275 11.34 -2.71 -34.18
CA HIS B 275 11.71 -2.48 -32.77
C HIS B 275 11.89 -3.76 -31.97
N HIS B 276 12.06 -4.89 -32.61
CA HIS B 276 12.15 -6.15 -31.94
C HIS B 276 13.33 -6.28 -30.95
N ASN B 277 14.32 -5.41 -31.06
CA ASN B 277 15.45 -5.40 -30.14
C ASN B 277 15.23 -4.58 -28.86
N VAL B 278 14.13 -3.82 -28.82
CA VAL B 278 13.79 -3.04 -27.63
C VAL B 278 13.38 -4.04 -26.54
N ARG B 279 13.92 -3.91 -25.33
CA ARG B 279 13.65 -4.84 -24.24
C ARG B 279 12.24 -4.57 -23.68
N LEU B 280 11.57 -5.61 -23.19
CA LEU B 280 10.30 -5.39 -22.49
C LEU B 280 10.44 -5.67 -21.01
N LEU B 281 10.06 -4.69 -20.19
CA LEU B 281 10.07 -4.85 -18.73
C LEU B 281 8.64 -4.98 -18.20
N MET B 282 8.44 -5.93 -17.30
CA MET B 282 7.13 -6.15 -16.67
C MET B 282 7.06 -5.45 -15.31
N LEU B 283 5.84 -5.44 -14.75
CA LEU B 283 5.55 -4.91 -13.40
C LEU B 283 5.53 -3.38 -13.43
N ASP B 284 6.68 -2.74 -13.30
CA ASP B 284 6.77 -1.26 -13.18
C ASP B 284 5.84 -0.78 -12.06
N ASP B 285 5.99 -1.39 -10.89
CA ASP B 285 5.08 -1.17 -9.76
C ASP B 285 5.79 -1.47 -8.44
N GLN B 286 5.07 -1.31 -7.34
CA GLN B 286 5.64 -1.53 -6.01
C GLN B 286 6.25 -2.92 -5.81
N ARG B 287 7.40 -3.00 -5.13
CA ARG B 287 8.09 -4.29 -5.06
C ARG B 287 7.40 -5.31 -4.18
N LEU B 288 6.47 -4.88 -3.34
CA LEU B 288 5.63 -5.83 -2.57
C LEU B 288 4.85 -6.79 -3.46
N LEU B 289 4.71 -6.44 -4.73
CA LEU B 289 4.00 -7.31 -5.66
C LEU B 289 4.84 -8.51 -6.12
N LEU B 290 6.08 -8.53 -5.70
CA LEU B 290 6.99 -9.65 -5.92
C LEU B 290 7.14 -10.53 -4.69
N PRO B 291 7.36 -11.85 -4.87
CA PRO B 291 7.55 -12.53 -6.17
C PRO B 291 6.25 -12.90 -6.89
N HIS B 292 5.09 -12.63 -6.30
CA HIS B 292 3.81 -13.10 -6.88
C HIS B 292 3.68 -12.76 -8.35
N TRP B 293 3.92 -11.49 -8.73
CA TRP B 293 3.74 -11.08 -10.14
C TRP B 293 4.70 -11.75 -11.12
N ALA B 294 5.96 -11.87 -10.72
CA ALA B 294 6.95 -12.64 -11.46
C ALA B 294 6.52 -14.11 -11.67
N LYS B 295 6.05 -14.76 -10.62
CA LYS B 295 5.53 -16.14 -10.76
C LYS B 295 4.40 -16.22 -11.78
N VAL B 296 3.39 -15.35 -11.65
CA VAL B 296 2.25 -15.42 -12.57
C VAL B 296 2.69 -15.25 -14.04
N VAL B 297 3.52 -14.24 -14.29
CA VAL B 297 3.89 -13.89 -15.67
C VAL B 297 4.93 -14.88 -16.21
N LEU B 298 5.99 -15.09 -15.43
CA LEU B 298 7.20 -15.80 -15.94
C LEU B 298 7.08 -17.34 -15.94
N THR B 299 6.04 -17.89 -15.31
CA THR B 299 5.83 -19.35 -15.43
C THR B 299 4.93 -19.74 -16.64
N ASP B 300 4.43 -18.74 -17.36
CA ASP B 300 3.83 -18.94 -18.65
C ASP B 300 4.91 -18.79 -19.75
N PRO B 301 5.28 -19.90 -20.42
CA PRO B 301 6.39 -19.85 -21.39
C PRO B 301 6.14 -18.85 -22.51
N GLU B 302 4.88 -18.70 -22.90
CA GLU B 302 4.52 -17.77 -23.97
C GLU B 302 4.68 -16.29 -23.60
N ALA B 303 4.53 -15.99 -22.31
CA ALA B 303 4.81 -14.64 -21.80
C ALA B 303 6.28 -14.46 -21.52
N ALA B 304 6.88 -15.45 -20.85
CA ALA B 304 8.26 -15.38 -20.37
C ALA B 304 9.23 -15.10 -21.51
N LYS B 305 8.92 -15.58 -22.71
CA LYS B 305 9.89 -15.45 -23.80
C LYS B 305 10.07 -14.00 -24.27
N TYR B 306 9.13 -13.13 -23.88
CA TYR B 306 9.17 -11.73 -24.25
C TYR B 306 9.69 -10.81 -23.17
N VAL B 307 9.85 -11.31 -21.95
CA VAL B 307 10.14 -10.43 -20.82
C VAL B 307 11.63 -10.46 -20.52
N HIS B 308 12.25 -9.29 -20.64
CA HIS B 308 13.67 -9.13 -20.35
C HIS B 308 13.93 -8.89 -18.85
N GLY B 309 13.04 -8.16 -18.19
CA GLY B 309 13.29 -7.73 -16.82
C GLY B 309 12.01 -7.31 -16.11
N ILE B 310 12.18 -6.92 -14.86
CA ILE B 310 11.08 -6.58 -13.97
C ILE B 310 11.41 -5.19 -13.39
N ALA B 311 10.53 -4.21 -13.62
CA ALA B 311 10.76 -2.85 -13.15
C ALA B 311 9.99 -2.65 -11.85
N VAL B 312 10.64 -2.00 -10.86
CA VAL B 312 10.02 -1.74 -9.54
C VAL B 312 10.04 -0.25 -9.11
N HIS B 313 9.04 0.15 -8.34
CA HIS B 313 8.95 1.51 -7.80
C HIS B 313 9.08 1.42 -6.30
N TRP B 314 9.46 2.52 -5.68
CA TRP B 314 9.88 2.45 -4.28
C TRP B 314 8.83 2.83 -3.23
N TYR B 315 7.62 3.19 -3.65
CA TYR B 315 6.76 4.06 -2.79
C TYR B 315 6.18 3.35 -1.59
N LEU B 316 6.05 2.04 -1.66
CA LEU B 316 5.61 1.25 -0.53
C LEU B 316 6.70 0.28 -0.03
N ASP B 317 7.96 0.68 -0.14
CA ASP B 317 9.08 -0.19 0.28
C ASP B 317 8.99 -0.58 1.77
N PHE B 318 8.38 0.28 2.58
CA PHE B 318 8.26 -0.01 4.03
C PHE B 318 7.46 -1.30 4.30
N LEU B 319 6.61 -1.67 3.36
CA LEU B 319 5.81 -2.90 3.45
C LEU B 319 6.55 -4.13 2.90
N ALA B 320 7.69 -3.92 2.24
CA ALA B 320 8.26 -4.98 1.41
C ALA B 320 9.76 -5.18 1.67
N PRO B 321 10.13 -6.01 2.68
CA PRO B 321 11.58 -6.20 2.89
C PRO B 321 12.25 -6.68 1.60
N ALA B 322 13.44 -6.16 1.31
CA ALA B 322 14.14 -6.46 0.05
C ALA B 322 14.37 -7.97 -0.12
N LYS B 323 14.79 -8.62 0.97
CA LYS B 323 15.13 -10.06 0.92
C LYS B 323 13.92 -10.90 0.48
N ALA B 324 12.74 -10.60 1.02
CA ALA B 324 11.53 -11.36 0.75
C ALA B 324 10.95 -11.12 -0.63
N THR B 325 11.37 -10.03 -1.27
CA THR B 325 10.73 -9.59 -2.51
C THR B 325 11.74 -9.66 -3.65
N LEU B 326 12.69 -8.73 -3.68
CA LEU B 326 13.77 -8.71 -4.68
C LEU B 326 14.59 -10.00 -4.56
N GLY B 327 14.99 -10.34 -3.35
CA GLY B 327 15.91 -11.47 -3.11
C GLY B 327 15.29 -12.80 -3.50
N GLU B 328 14.05 -12.99 -3.11
CA GLU B 328 13.28 -14.20 -3.53
C GLU B 328 12.97 -14.28 -5.03
N THR B 329 12.71 -13.15 -5.67
CA THR B 329 12.50 -13.13 -7.13
C THR B 329 13.80 -13.51 -7.85
N HIS B 330 14.93 -13.03 -7.37
CA HIS B 330 16.21 -13.38 -7.98
C HIS B 330 16.49 -14.87 -7.78
N ARG B 331 16.12 -15.41 -6.64
CA ARG B 331 16.33 -16.86 -6.34
C ARG B 331 15.55 -17.71 -7.34
N LEU B 332 14.30 -17.34 -7.58
CA LEU B 332 13.40 -18.09 -8.46
C LEU B 332 13.66 -17.83 -9.94
N PHE B 333 14.05 -16.59 -10.28
CA PHE B 333 14.22 -16.17 -11.70
C PHE B 333 15.54 -15.41 -11.90
N PRO B 334 16.68 -16.09 -11.68
CA PRO B 334 17.94 -15.33 -11.64
C PRO B 334 18.32 -14.71 -13.00
N ASN B 335 17.72 -15.15 -14.11
CA ASN B 335 18.09 -14.60 -15.42
C ASN B 335 17.23 -13.44 -15.90
N THR B 336 16.28 -13.02 -15.07
CA THR B 336 15.39 -11.90 -15.37
C THR B 336 15.84 -10.75 -14.48
N MET B 337 16.42 -9.73 -15.09
CA MET B 337 17.03 -8.63 -14.33
C MET B 337 15.95 -7.85 -13.55
N LEU B 338 16.35 -7.31 -12.41
CA LEU B 338 15.49 -6.41 -11.66
C LEU B 338 16.03 -4.99 -11.82
N PHE B 339 15.11 -4.00 -11.94
CA PHE B 339 15.52 -2.64 -12.26
C PHE B 339 14.57 -1.69 -11.54
N ALA B 340 15.11 -0.71 -10.79
CA ALA B 340 14.26 0.31 -10.13
C ALA B 340 13.95 1.47 -11.08
N SER B 341 12.68 1.64 -11.47
CA SER B 341 12.32 2.57 -12.54
C SER B 341 11.67 3.89 -12.09
N GLU B 342 11.33 4.03 -10.80
CA GLU B 342 10.77 5.30 -10.36
C GLU B 342 10.85 5.43 -8.87
N ALA B 343 11.34 6.60 -8.45
CA ALA B 343 11.36 7.01 -7.04
C ALA B 343 11.26 8.52 -6.93
N CYS B 344 10.53 9.02 -5.93
CA CYS B 344 10.67 10.40 -5.47
C CYS B 344 10.20 10.53 -4.00
N VAL B 345 10.68 11.57 -3.31
CA VAL B 345 10.21 11.86 -1.97
C VAL B 345 9.14 12.98 -2.01
N GLY B 346 8.38 13.10 -0.92
CA GLY B 346 7.40 14.16 -0.82
C GLY B 346 6.05 13.81 -1.39
N SER B 347 5.82 12.55 -1.71
CA SER B 347 4.57 12.20 -2.40
C SER B 347 3.46 11.66 -1.49
N LYS B 348 3.73 11.44 -0.21
CA LYS B 348 2.66 11.02 0.72
C LYS B 348 1.87 12.24 1.17
N PHE B 349 0.58 12.08 1.49
CA PHE B 349 -0.28 13.28 1.73
C PHE B 349 0.17 14.14 2.90
N TRP B 350 0.91 13.54 3.82
CA TRP B 350 1.34 14.26 5.02
C TRP B 350 2.69 14.94 4.82
N GLU B 351 3.31 14.71 3.66
CA GLU B 351 4.70 15.14 3.47
C GLU B 351 4.72 16.52 2.81
N GLN B 352 5.65 17.37 3.22
CA GLN B 352 5.87 18.61 2.49
C GLN B 352 6.39 18.23 1.11
N SER B 353 5.92 18.89 0.05
CA SER B 353 6.31 18.51 -1.32
CA SER B 353 6.33 18.48 -1.30
C SER B 353 7.80 18.74 -1.54
N VAL B 354 8.23 20.00 -1.31
CA VAL B 354 9.64 20.36 -1.52
C VAL B 354 10.27 20.87 -0.21
N ARG B 355 11.37 20.24 0.24
CA ARG B 355 12.15 20.77 1.36
C ARG B 355 13.56 21.13 0.87
N LEU B 356 13.74 22.37 0.43
CA LEU B 356 15.04 22.78 -0.18
C LEU B 356 16.23 22.59 0.72
N GLY B 357 17.12 21.67 0.34
CA GLY B 357 18.33 21.43 1.15
C GLY B 357 18.23 20.26 2.13
N SER B 358 17.17 19.45 2.01
CA SER B 358 16.93 18.37 2.94
C SER B 358 18.00 17.26 2.82
N TRP B 359 18.81 17.11 3.86
CA TRP B 359 19.77 16.01 3.91
C TRP B 359 19.05 14.66 4.05
N ASP B 360 17.97 14.62 4.84
CA ASP B 360 17.18 13.39 5.07
C ASP B 360 16.77 12.79 3.73
N ARG B 361 16.26 13.63 2.85
CA ARG B 361 15.79 13.14 1.53
C ARG B 361 16.93 12.62 0.67
N GLY B 362 18.09 13.26 0.74
CA GLY B 362 19.30 12.71 0.11
C GLY B 362 19.63 11.33 0.66
N MET B 363 19.67 11.19 1.99
CA MET B 363 19.91 9.88 2.61
C MET B 363 18.88 8.79 2.25
N GLN B 364 17.61 9.18 2.07
CA GLN B 364 16.59 8.25 1.59
C GLN B 364 16.97 7.68 0.22
N TYR B 365 17.45 8.52 -0.67
CA TYR B 365 17.87 8.07 -2.02
C TYR B 365 19.04 7.09 -1.92
N SER B 366 20.11 7.47 -1.25
CA SER B 366 21.29 6.55 -1.18
C SER B 366 20.99 5.26 -0.41
N HIS B 367 20.20 5.35 0.66
CA HIS B 367 19.84 4.12 1.39
C HIS B 367 19.07 3.17 0.47
N SER B 368 18.14 3.72 -0.30
CA SER B 368 17.39 2.90 -1.27
C SER B 368 18.29 2.31 -2.36
N ILE B 369 19.15 3.13 -2.95
CA ILE B 369 20.02 2.62 -4.03
C ILE B 369 20.93 1.50 -3.54
N ILE B 370 21.55 1.69 -2.36
CA ILE B 370 22.41 0.66 -1.80
C ILE B 370 21.60 -0.61 -1.53
N THR B 371 20.38 -0.49 -0.97
CA THR B 371 19.61 -1.66 -0.61
C THR B 371 19.23 -2.43 -1.88
N ASN B 372 18.84 -1.68 -2.92
CA ASN B 372 18.54 -2.25 -4.23
C ASN B 372 19.75 -3.00 -4.82
N LEU B 373 20.89 -2.32 -4.88
CA LEU B 373 22.14 -2.96 -5.35
C LEU B 373 22.52 -4.21 -4.55
N LEU B 374 22.28 -4.22 -3.23
CA LEU B 374 22.56 -5.44 -2.42
C LEU B 374 21.61 -6.61 -2.66
N TYR B 375 20.46 -6.32 -3.28
CA TYR B 375 19.47 -7.35 -3.67
C TYR B 375 19.24 -7.39 -5.17
N HIS B 376 20.34 -7.29 -5.92
CA HIS B 376 20.43 -7.78 -7.30
C HIS B 376 19.90 -6.80 -8.37
N VAL B 377 19.41 -5.64 -7.93
CA VAL B 377 18.86 -4.63 -8.82
C VAL B 377 19.95 -3.96 -9.70
N VAL B 378 19.69 -3.82 -11.00
CA VAL B 378 20.74 -3.44 -11.97
C VAL B 378 20.79 -1.93 -12.29
N GLY B 379 19.82 -1.18 -11.78
CA GLY B 379 19.73 0.23 -12.13
C GLY B 379 18.73 0.92 -11.24
N TRP B 380 18.79 2.26 -11.19
CA TRP B 380 17.86 3.00 -10.32
C TRP B 380 17.57 4.32 -11.00
N THR B 381 16.28 4.62 -11.12
CA THR B 381 15.81 5.76 -11.88
C THR B 381 14.98 6.68 -11.01
N ASP B 382 15.40 7.95 -10.99
CA ASP B 382 14.66 9.01 -10.37
C ASP B 382 13.40 9.33 -11.19
N TRP B 383 12.46 10.05 -10.58
CA TRP B 383 11.28 10.56 -11.26
C TRP B 383 11.63 11.94 -11.88
N ASN B 384 10.78 12.96 -11.75
CA ASN B 384 11.04 14.23 -12.47
C ASN B 384 12.48 14.72 -12.35
N LEU B 385 13.13 14.97 -13.49
CA LEU B 385 14.48 15.54 -13.50
C LEU B 385 14.57 16.92 -12.87
N ALA B 386 13.52 17.73 -13.01
CA ALA B 386 13.51 19.04 -12.36
C ALA B 386 12.05 19.41 -12.05
N LEU B 387 11.86 20.19 -10.98
CA LEU B 387 10.51 20.72 -10.68
C LEU B 387 10.62 22.17 -10.24
N ASN B 388 9.48 22.86 -10.10
CA ASN B 388 9.53 24.22 -9.62
C ASN B 388 9.48 24.18 -8.07
N PRO B 389 9.65 25.34 -7.39
CA PRO B 389 9.69 25.27 -5.91
C PRO B 389 8.41 24.81 -5.20
N GLU B 390 7.29 24.75 -5.92
CA GLU B 390 6.02 24.22 -5.39
C GLU B 390 6.01 22.69 -5.55
N GLY B 391 6.89 22.17 -6.41
CA GLY B 391 6.95 20.72 -6.68
C GLY B 391 6.10 20.34 -7.89
N GLY B 392 5.86 21.30 -8.78
CA GLY B 392 5.13 21.00 -10.00
C GLY B 392 5.77 21.54 -11.28
N PRO B 393 4.96 21.77 -12.33
CA PRO B 393 3.49 21.71 -12.40
C PRO B 393 2.96 20.28 -12.37
N ASN B 394 1.69 20.12 -12.02
CA ASN B 394 0.99 18.82 -11.93
C ASN B 394 -0.51 19.09 -12.03
N TRP B 395 -1.18 18.56 -13.05
CA TRP B 395 -2.60 18.88 -13.29
C TRP B 395 -3.52 18.42 -12.14
N VAL B 396 -3.05 17.45 -11.35
CA VAL B 396 -3.77 16.97 -10.15
C VAL B 396 -3.28 17.61 -8.83
N ARG B 397 -2.35 18.57 -8.93
CA ARG B 397 -1.71 19.21 -7.76
C ARG B 397 -1.01 18.22 -6.81
N ASN B 398 -0.56 17.12 -7.36
CA ASN B 398 0.18 16.15 -6.58
C ASN B 398 1.66 16.45 -6.57
N PHE B 399 2.02 17.54 -5.92
CA PHE B 399 3.38 18.08 -6.00
C PHE B 399 4.31 17.19 -5.21
N VAL B 400 5.54 17.04 -5.67
CA VAL B 400 6.58 16.25 -4.98
C VAL B 400 7.93 16.95 -5.08
N ASP B 401 9.01 16.30 -4.63
CA ASP B 401 10.33 16.92 -4.61
C ASP B 401 11.13 16.38 -5.81
N SER B 402 12.20 17.09 -6.19
CA SER B 402 13.12 16.68 -7.28
C SER B 402 14.56 17.06 -6.92
N PRO B 403 15.57 16.27 -7.38
CA PRO B 403 16.97 16.64 -7.08
C PRO B 403 17.37 18.01 -7.59
N ILE B 404 16.67 18.54 -8.59
CA ILE B 404 16.95 19.93 -9.03
C ILE B 404 15.67 20.72 -9.05
N ILE B 405 15.72 21.91 -8.45
CA ILE B 405 14.55 22.78 -8.40
C ILE B 405 14.83 24.05 -9.19
N VAL B 406 13.93 24.40 -10.13
CA VAL B 406 14.15 25.56 -10.98
C VAL B 406 13.34 26.78 -10.47
N ASP B 407 14.01 27.92 -10.31
CA ASP B 407 13.40 29.19 -9.89
C ASP B 407 13.36 30.18 -11.07
N ILE B 408 12.29 30.11 -11.86
CA ILE B 408 12.19 30.81 -13.15
C ILE B 408 12.42 32.33 -13.02
N THR B 409 11.98 32.90 -11.90
CA THR B 409 12.01 34.35 -11.74
C THR B 409 13.43 34.85 -11.50
N LYS B 410 14.32 33.94 -11.11
CA LYS B 410 15.71 34.27 -10.83
C LYS B 410 16.72 33.67 -11.84
N ASP B 411 16.19 32.99 -12.86
CA ASP B 411 16.97 32.21 -13.82
C ASP B 411 18.03 31.39 -13.08
N THR B 412 17.58 30.71 -12.04
CA THR B 412 18.43 30.04 -11.09
C THR B 412 17.93 28.61 -10.93
N PHE B 413 18.85 27.68 -10.68
CA PHE B 413 18.42 26.36 -10.21
C PHE B 413 19.23 25.87 -9.02
N TYR B 414 18.61 25.00 -8.24
CA TYR B 414 19.20 24.56 -7.00
C TYR B 414 19.39 23.06 -7.08
N LYS B 415 20.63 22.61 -6.91
CA LYS B 415 20.89 21.17 -6.78
C LYS B 415 20.84 20.75 -5.30
N GLN B 416 19.93 19.82 -5.00
CA GLN B 416 19.62 19.42 -3.63
C GLN B 416 20.52 18.25 -3.20
N PRO B 417 20.57 17.94 -1.90
CA PRO B 417 21.31 16.75 -1.47
C PRO B 417 21.01 15.47 -2.28
N MET B 418 19.75 15.27 -2.68
CA MET B 418 19.38 14.12 -3.48
C MET B 418 20.25 14.02 -4.75
N PHE B 419 20.56 15.16 -5.37
CA PHE B 419 21.41 15.16 -6.59
C PHE B 419 22.76 14.53 -6.29
N TYR B 420 23.37 14.97 -5.19
CA TYR B 420 24.71 14.51 -4.83
C TYR B 420 24.73 13.05 -4.31
N HIS B 421 23.70 12.67 -3.55
CA HIS B 421 23.57 11.27 -3.13
C HIS B 421 23.42 10.36 -4.35
N LEU B 422 22.61 10.76 -5.34
CA LEU B 422 22.51 9.98 -6.60
C LEU B 422 23.84 9.97 -7.37
N GLY B 423 24.53 11.11 -7.42
CA GLY B 423 25.81 11.22 -8.11
C GLY B 423 26.94 10.38 -7.51
N HIS B 424 26.87 10.08 -6.21
CA HIS B 424 27.87 9.20 -5.59
C HIS B 424 27.85 7.78 -6.16
N PHE B 425 26.76 7.47 -6.85
CA PHE B 425 26.60 6.19 -7.57
C PHE B 425 26.77 6.41 -9.07
N SER B 426 25.95 7.28 -9.64
CA SER B 426 25.91 7.39 -11.12
C SER B 426 27.26 7.84 -11.70
N LYS B 427 28.00 8.70 -10.98
CA LYS B 427 29.27 9.21 -11.54
C LYS B 427 30.33 8.09 -11.64
N PHE B 428 30.25 7.15 -10.70
CA PHE B 428 31.34 6.22 -10.44
C PHE B 428 31.04 4.77 -10.78
N ILE B 429 29.81 4.48 -11.16
CA ILE B 429 29.39 3.10 -11.45
C ILE B 429 28.79 3.07 -12.86
N PRO B 430 29.66 3.02 -13.89
CA PRO B 430 29.11 3.04 -15.25
C PRO B 430 28.45 1.71 -15.63
N GLU B 431 27.69 1.75 -16.71
CA GLU B 431 27.13 0.55 -17.28
C GLU B 431 28.19 -0.55 -17.42
N GLY B 432 27.85 -1.74 -16.96
CA GLY B 432 28.74 -2.87 -17.08
C GLY B 432 29.55 -3.10 -15.83
N SER B 433 29.44 -2.23 -14.82
CA SER B 433 30.07 -2.48 -13.52
C SER B 433 29.38 -3.69 -12.92
N GLN B 434 30.05 -4.38 -12.02
CA GLN B 434 29.46 -5.59 -11.46
C GLN B 434 29.52 -5.52 -9.96
N ARG B 435 28.41 -5.78 -9.26
CA ARG B 435 28.51 -5.86 -7.80
C ARG B 435 29.34 -7.07 -7.38
N VAL B 436 30.20 -6.89 -6.36
CA VAL B 436 30.98 -8.00 -5.85
C VAL B 436 30.68 -8.13 -4.34
N GLY B 437 31.24 -9.16 -3.67
CA GLY B 437 30.93 -9.42 -2.26
C GLY B 437 31.55 -8.36 -1.36
N LEU B 438 30.93 -8.12 -0.21
CA LEU B 438 31.48 -7.23 0.81
C LEU B 438 30.89 -7.63 2.14
N VAL B 439 31.75 -7.85 3.12
CA VAL B 439 31.32 -8.46 4.39
C VAL B 439 31.84 -7.58 5.51
N ALA B 440 31.13 -7.55 6.62
CA ALA B 440 31.48 -6.69 7.75
C ALA B 440 31.95 -7.52 8.93
N SER B 441 32.95 -7.05 9.66
CA SER B 441 33.52 -7.81 10.80
C SER B 441 32.63 -7.78 12.05
N GLN B 442 31.69 -6.81 12.10
CA GLN B 442 30.80 -6.67 13.24
C GLN B 442 29.56 -5.86 12.84
N LYS B 443 28.54 -5.88 13.69
CA LYS B 443 27.30 -5.15 13.48
C LYS B 443 27.62 -3.66 13.46
N ASN B 444 26.95 -2.93 12.57
CA ASN B 444 27.31 -1.54 12.38
C ASN B 444 26.10 -0.82 11.81
N ASP B 445 26.16 0.51 11.78
CA ASP B 445 25.05 1.32 11.30
C ASP B 445 25.31 1.89 9.90
N LEU B 446 26.23 1.30 9.13
CA LEU B 446 26.58 1.83 7.79
C LEU B 446 25.79 1.07 6.72
N ASP B 447 25.42 1.72 5.63
CA ASP B 447 25.03 0.99 4.41
C ASP B 447 26.22 1.05 3.46
N ALA B 448 26.57 -0.08 2.87
CA ALA B 448 27.75 -0.12 2.00
C ALA B 448 27.65 -1.15 0.90
N VAL B 449 28.27 -0.86 -0.22
CA VAL B 449 28.20 -1.77 -1.37
C VAL B 449 29.47 -1.64 -2.17
N ALA B 450 29.97 -2.78 -2.66
CA ALA B 450 31.22 -2.79 -3.43
C ALA B 450 30.95 -3.25 -4.83
N LEU B 451 31.57 -2.59 -5.81
CA LEU B 451 31.44 -3.04 -7.19
C LEU B 451 32.80 -2.97 -7.87
N MET B 452 32.89 -3.66 -9.00
CA MET B 452 34.08 -3.62 -9.83
C MET B 452 33.70 -2.95 -11.15
N HIS B 453 34.40 -1.84 -11.44
CA HIS B 453 34.32 -1.11 -12.74
C HIS B 453 34.67 -2.08 -13.88
N PRO B 454 34.13 -1.84 -15.10
CA PRO B 454 34.55 -2.63 -16.27
C PRO B 454 36.07 -2.74 -16.45
N ASP B 455 36.81 -1.68 -16.13
CA ASP B 455 38.27 -1.69 -16.23
C ASP B 455 38.97 -2.51 -15.12
N GLY B 456 38.18 -2.98 -14.17
CA GLY B 456 38.67 -3.80 -13.07
C GLY B 456 39.00 -3.08 -11.77
N SER B 457 38.89 -1.75 -11.78
CA SER B 457 39.10 -0.94 -10.56
C SER B 457 37.93 -1.13 -9.58
N ALA B 458 38.16 -0.85 -8.30
CA ALA B 458 37.12 -1.03 -7.28
C ALA B 458 36.34 0.27 -7.03
N VAL B 459 35.06 0.12 -6.67
CA VAL B 459 34.21 1.25 -6.21
C VAL B 459 33.48 0.80 -4.96
N VAL B 460 33.63 1.54 -3.85
CA VAL B 460 32.81 1.26 -2.64
C VAL B 460 32.05 2.53 -2.25
N VAL B 461 30.73 2.43 -2.11
CA VAL B 461 29.92 3.52 -1.56
C VAL B 461 29.56 3.21 -0.11
N VAL B 462 29.81 4.17 0.79
CA VAL B 462 29.52 4.04 2.22
C VAL B 462 28.58 5.17 2.72
N LEU B 463 27.41 4.82 3.26
CA LEU B 463 26.50 5.83 3.80
C LEU B 463 26.40 5.58 5.30
N ASN B 464 26.62 6.62 6.09
CA ASN B 464 26.46 6.51 7.53
C ASN B 464 25.09 7.03 7.90
N ARG B 465 24.22 6.12 8.32
CA ARG B 465 22.83 6.40 8.71
C ARG B 465 22.67 7.05 10.12
N SER B 466 23.79 7.24 10.81
CA SER B 466 23.79 7.59 12.24
C SER B 466 24.52 8.93 12.45
N SER B 467 24.33 9.55 13.62
CA SER B 467 24.99 10.83 13.92
C SER B 467 26.45 10.65 14.32
N LYS B 468 26.87 9.42 14.55
CA LYS B 468 28.19 9.18 15.12
C LYS B 468 29.21 8.86 14.03
N ASP B 469 30.37 9.50 14.12
CA ASP B 469 31.53 9.16 13.29
C ASP B 469 31.94 7.72 13.51
N VAL B 470 32.21 7.00 12.42
CA VAL B 470 32.54 5.58 12.51
C VAL B 470 33.89 5.38 11.81
N PRO B 471 34.98 5.21 12.59
CA PRO B 471 36.24 4.84 11.93
C PRO B 471 36.15 3.42 11.35
N LEU B 472 36.74 3.18 10.21
CA LEU B 472 36.69 1.85 9.61
C LEU B 472 37.85 1.61 8.67
N THR B 473 38.01 0.35 8.33
CA THR B 473 39.03 -0.10 7.40
C THR B 473 38.33 -0.89 6.29
N ILE B 474 38.80 -0.73 5.06
CA ILE B 474 38.31 -1.54 3.94
C ILE B 474 39.51 -2.39 3.49
N LYS B 475 39.31 -3.70 3.43
CA LYS B 475 40.32 -4.64 2.97
C LYS B 475 39.99 -5.09 1.55
N ASP B 476 40.94 -4.95 0.64
CA ASP B 476 40.89 -5.61 -0.66
C ASP B 476 42.00 -6.66 -0.68
N PRO B 477 41.63 -7.94 -0.69
CA PRO B 477 42.62 -9.01 -0.51
C PRO B 477 43.79 -8.94 -1.50
N ALA B 478 43.56 -8.41 -2.70
CA ALA B 478 44.64 -8.17 -3.70
C ALA B 478 45.61 -7.00 -3.47
N VAL B 479 45.15 -5.90 -2.88
CA VAL B 479 45.92 -4.67 -2.89
C VAL B 479 46.33 -4.24 -1.50
N GLY B 480 45.43 -4.38 -0.52
CA GLY B 480 45.72 -3.91 0.83
C GLY B 480 44.53 -3.29 1.54
N PHE B 481 44.81 -2.30 2.40
CA PHE B 481 43.86 -1.77 3.37
C PHE B 481 43.74 -0.26 3.28
N LEU B 482 42.51 0.24 3.37
CA LEU B 482 42.21 1.67 3.38
C LEU B 482 41.77 1.98 4.80
N GLU B 483 42.52 2.85 5.49
CA GLU B 483 42.09 3.32 6.79
C GLU B 483 41.33 4.63 6.58
N THR B 484 40.12 4.70 7.13
CA THR B 484 39.23 5.83 6.86
C THR B 484 38.28 6.08 8.05
N ILE B 485 37.45 7.13 7.98
CA ILE B 485 36.36 7.35 8.94
C ILE B 485 35.16 7.71 8.10
N SER B 486 34.00 7.29 8.56
CA SER B 486 32.73 7.71 7.97
C SER B 486 32.06 8.65 8.95
N PRO B 487 32.16 9.98 8.70
CA PRO B 487 31.47 10.91 9.59
C PRO B 487 29.96 10.66 9.70
N GLY B 488 29.38 11.02 10.85
CA GLY B 488 27.92 11.01 11.02
C GLY B 488 27.22 11.63 9.84
N TYR B 489 26.22 10.92 9.32
CA TYR B 489 25.32 11.43 8.26
C TYR B 489 25.90 11.41 6.83
N SER B 490 27.20 11.14 6.71
CA SER B 490 27.97 11.42 5.49
C SER B 490 27.69 10.38 4.43
N ILE B 491 28.12 10.67 3.21
CA ILE B 491 28.23 9.65 2.20
C ILE B 491 29.57 9.77 1.48
N HIS B 492 30.21 8.63 1.27
CA HIS B 492 31.53 8.56 0.63
C HIS B 492 31.48 7.56 -0.53
N THR B 493 32.20 7.88 -1.60
CA THR B 493 32.55 6.87 -2.58
C THR B 493 34.07 6.73 -2.64
N TYR B 494 34.55 5.50 -2.52
CA TYR B 494 35.99 5.19 -2.63
C TYR B 494 36.27 4.51 -3.94
N LEU B 495 37.35 4.92 -4.60
CA LEU B 495 37.82 4.32 -5.85
C LEU B 495 39.28 3.89 -5.69
N TRP B 496 39.63 2.74 -6.22
CA TRP B 496 41.06 2.38 -6.35
C TRP B 496 41.35 1.36 -7.47
N HIS B 497 42.55 1.45 -8.04
CA HIS B 497 43.05 0.48 -9.01
C HIS B 497 43.59 -0.74 -8.32
N ARG B 498 43.43 -1.89 -8.96
CA ARG B 498 43.71 -3.16 -8.33
C ARG B 498 44.90 -3.86 -8.98
N GLN B 499 45.59 -3.29 -9.84
C1 NAG C . -38.86 11.68 14.16
C2 NAG C . -39.54 13.06 14.03
C3 NAG C . -41.04 12.93 13.74
C4 NAG C . -41.35 11.97 12.60
C5 NAG C . -40.50 10.69 12.70
C6 NAG C . -40.64 9.83 11.45
C7 NAG C . -38.86 15.15 15.04
C8 NAG C . -38.58 15.91 16.31
N2 NAG C . -39.33 13.91 15.19
O3 NAG C . -41.57 14.19 13.39
O4 NAG C . -42.73 11.68 12.71
O5 NAG C . -39.14 10.99 12.95
O6 NAG C . -40.19 10.53 10.32
O7 NAG C . -38.66 15.69 13.93
C1 NAG C . -43.38 11.74 11.43
C2 NAG C . -44.69 10.94 11.48
C3 NAG C . -45.55 11.10 10.21
C4 NAG C . -45.54 12.51 9.58
C5 NAG C . -44.10 13.04 9.66
C6 NAG C . -43.86 14.40 8.99
C7 NAG C . -44.66 8.97 12.94
C8 NAG C . -44.50 7.47 13.01
N2 NAG C . -44.44 9.52 11.74
O3 NAG C . -46.87 10.68 10.54
O4 NAG C . -45.93 12.38 8.23
O5 NAG C . -43.67 13.05 11.02
O6 NAG C . -43.94 15.43 9.94
O7 NAG C . -44.98 9.59 13.96
C1 MAN C . -46.92 13.37 7.85
C2 MAN C . -46.55 13.92 6.48
C3 MAN C . -47.57 14.96 6.04
C4 MAN C . -49.00 14.40 6.06
C5 MAN C . -49.32 13.60 7.33
C6 MAN C . -50.46 12.63 6.98
O2 MAN C . -46.43 12.88 5.52
O3 MAN C . -47.26 15.47 4.75
O4 MAN C . -49.90 15.47 5.95
O5 MAN C . -48.24 12.83 7.85
O6 MAN C . -51.07 12.10 8.14
C1 FUC C . -42.23 14.86 14.49
C2 FUC C . -42.46 16.30 14.06
C3 FUC C . -43.69 16.48 13.15
C4 FUC C . -44.90 15.68 13.66
C5 FUC C . -44.52 14.25 13.99
C6 FUC C . -45.69 13.39 14.51
O2 FUC C . -41.32 16.75 13.35
O3 FUC C . -44.01 17.86 13.11
O4 FUC C . -45.41 16.31 14.83
O5 FUC C . -43.43 14.24 14.91
C1 NAG D . 25.56 33.54 -11.02
C2 NAG D . 25.44 35.06 -10.73
C3 NAG D . 26.83 35.69 -10.51
C4 NAG D . 27.57 34.91 -9.42
C5 NAG D . 27.50 33.39 -9.68
C6 NAG D . 28.11 32.59 -8.55
C7 NAG D . 23.69 36.60 -11.49
C8 NAG D . 23.00 37.21 -12.66
N2 NAG D . 24.72 35.80 -11.77
O3 NAG D . 26.78 37.09 -10.20
O4 NAG D . 28.92 35.30 -9.41
O5 NAG D . 26.18 32.94 -9.89
O6 NAG D . 27.54 32.94 -7.31
O7 NAG D . 23.31 36.84 -10.34
C1 FUC D . 27.09 37.93 -11.35
C2 FUC D . 26.65 39.37 -11.13
C3 FUC D . 27.51 40.10 -10.09
C4 FUC D . 28.97 40.02 -10.53
C5 FUC D . 29.35 38.55 -10.76
C6 FUC D . 30.81 38.33 -11.16
O2 FUC D . 25.31 39.44 -10.69
O3 FUC D . 27.11 41.45 -10.07
O4 FUC D . 29.10 40.79 -11.72
O5 FUC D . 28.47 37.95 -11.69
C1 NAG D . 29.32 35.76 -8.10
C2 NAG D . 30.84 35.85 -8.02
C3 NAG D . 31.33 36.41 -6.67
C4 NAG D . 30.55 37.69 -6.33
C5 NAG D . 29.06 37.33 -6.39
C6 NAG D . 28.11 38.38 -5.84
C7 NAG D . 32.07 34.34 -9.51
C8 NAG D . 32.96 33.14 -9.59
N2 NAG D . 31.48 34.58 -8.33
O3 NAG D . 32.72 36.63 -6.75
O4 NAG D . 30.92 38.27 -5.08
O5 NAG D . 28.73 36.99 -7.74
O6 NAG D . 28.01 39.42 -6.77
O7 NAG D . 31.92 35.03 -10.52
C1 BTB E . -7.51 4.10 11.63
O1 BTB E . -8.17 5.39 11.41
C2 BTB E . -6.34 3.87 10.70
C3 BTB E . -5.20 4.80 11.10
O3 BTB E . -4.84 4.56 12.47
C4 BTB E . -5.90 2.39 10.78
O4 BTB E . -6.14 1.86 12.09
N BTB E . -6.70 4.15 9.28
C5 BTB E . -7.98 3.68 8.76
C6 BTB E . -8.60 4.86 8.00
O6 BTB E . -9.47 5.50 8.94
C7 BTB E . -5.77 4.83 8.34
C8 BTB E . -4.71 3.82 7.89
O8 BTB E . -5.31 2.54 7.62
S SO4 F . -32.32 2.26 -9.40
O1 SO4 F . -31.35 2.75 -8.43
O2 SO4 F . -31.80 2.50 -10.75
O3 SO4 F . -32.50 0.83 -9.22
O4 SO4 F . -33.58 2.97 -9.20
S SO4 G . 9.77 10.81 11.48
O1 SO4 G . 10.99 10.49 10.73
O2 SO4 G . 8.81 9.74 11.31
O3 SO4 G . 10.14 10.96 12.89
O4 SO4 G . 9.20 12.08 11.02
S SO4 H . -13.36 -18.33 20.20
O1 SO4 H . -13.58 -18.62 18.77
O2 SO4 H . -12.10 -17.59 20.38
O3 SO4 H . -14.51 -17.58 20.69
O4 SO4 H . -13.23 -19.57 20.95
S SO4 I . -22.18 7.07 -5.07
O1 SO4 I . -21.59 7.48 -6.33
O2 SO4 I . -21.21 7.17 -4.00
O3 SO4 I . -23.24 8.03 -4.77
O4 SO4 I . -22.71 5.72 -5.19
S SO4 J . -11.26 -7.61 -4.11
O1 SO4 J . -12.03 -8.28 -5.17
O2 SO4 J . -10.01 -7.09 -4.68
O3 SO4 J . -12.03 -6.49 -3.56
O4 SO4 J . -10.97 -8.55 -3.02
C1 BTB K . 1.61 8.67 -10.38
O1 BTB K . 1.25 8.22 -11.68
C2 BTB K . 3.09 8.50 -10.05
C3 BTB K . 3.85 9.51 -10.90
O3 BTB K . 3.51 10.86 -10.51
C4 BTB K . 3.58 7.05 -10.31
O4 BTB K . 4.00 6.77 -11.66
N BTB K . 3.31 8.77 -8.60
C5 BTB K . 2.20 8.65 -7.63
C6 BTB K . 1.98 7.16 -7.31
O6 BTB K . 3.21 6.44 -7.00
C7 BTB K . 4.66 9.05 -8.14
C8 BTB K . 4.64 10.13 -7.07
O8 BTB K . 4.83 11.37 -7.77
S SO4 L . 26.31 18.42 10.81
O1 SO4 L . 27.77 18.43 10.68
O2 SO4 L . 25.72 19.45 9.94
O3 SO4 L . 25.84 17.09 10.45
O4 SO4 L . 25.94 18.72 12.19
S SO4 M . -14.11 5.59 -10.59
O1 SO4 M . -15.01 5.65 -9.44
O2 SO4 M . -12.97 4.73 -10.30
O3 SO4 M . -14.88 5.06 -11.73
O4 SO4 M . -13.67 6.95 -10.91
S SO4 N . 20.77 -4.47 -22.50
O1 SO4 N . 21.12 -4.44 -21.08
O2 SO4 N . 19.32 -4.46 -22.63
O3 SO4 N . 21.34 -3.27 -23.12
O4 SO4 N . 21.26 -5.67 -23.14
S SO4 O . 15.15 17.71 6.70
O1 SO4 O . 14.36 17.50 7.90
O2 SO4 O . 14.22 17.42 5.59
O3 SO4 O . 15.55 19.10 6.69
O4 SO4 O . 16.33 16.83 6.70
S SO4 P . 31.98 22.17 -1.29
O1 SO4 P . 32.13 20.72 -1.11
O2 SO4 P . 32.13 22.54 -2.72
O3 SO4 P . 30.66 22.62 -0.82
O4 SO4 P . 33.01 22.84 -0.49
S SO4 Q . 14.34 -0.34 3.24
O1 SO4 Q . 14.43 -1.16 2.02
O2 SO4 Q . 14.21 1.07 2.88
O3 SO4 Q . 13.15 -0.71 3.99
O4 SO4 Q . 15.54 -0.56 4.07
S SO4 R . 10.41 -8.36 -27.74
O1 SO4 R . 11.20 -7.53 -26.83
O2 SO4 R . 9.00 -8.08 -27.53
O3 SO4 R . 10.76 -8.08 -29.12
O4 SO4 R . 10.67 -9.76 -27.44
#